data_7C9M
#
_entry.id   7C9M
#
_cell.length_a   60.519
_cell.length_b   96.684
_cell.length_c   211.428
_cell.angle_alpha   90.00
_cell.angle_beta   90.00
_cell.angle_gamma   90.00
#
_symmetry.space_group_name_H-M   'P 21 21 21'
#
loop_
_entity.id
_entity.type
_entity.pdbx_description
1 polymer 'D-histidine 2-aminobutanoyltransferase'
2 non-polymer '(2S)-2-azanyl-4-[[(2R)-3-(1H-imidazol-4-yl)-1-oxidanyl-1-oxidanylidene-propan-2-yl]amino]butanoic acid'
3 non-polymer "5'-DEOXY-5'-METHYLTHIOADENOSINE"
4 water water
#
_entity_poly.entity_id   1
_entity_poly.type   'polypeptide(L)'
_entity_poly.pdbx_seq_one_letter_code
;MGSSHHHHHHSSGNEIKLILQQYLEKFEAHYERVLQDDQYIEALETLMDDYSEFILNPIYEQQFNAWRDVEEKAQLIKSL
QYITAQCVKQVEVIRARRLLDGQASTTGYFDNIEHCIDEEFGQCSITSNDKLLLVGSGAYPMTLIQVAKETGASVIGIDI
DPQAVDLGRRIVNVLAPNEDITITDQKVSELKDIKDVTHIIFSSTIPLKYSILEELYDLTNENVVVAMRFGDGIKAIFNY
PSQETAEDKWQCVNKHMRPQQIFDIALYKKAAIKVGITD
;
_entity_poly.pdbx_strand_id   A,B,C,D
#
loop_
_chem_comp.id
_chem_comp.type
_chem_comp.name
_chem_comp.formula
FN6 non-polymer '(2S)-2-azanyl-4-[[(2R)-3-(1H-imidazol-4-yl)-1-oxidanyl-1-oxidanylidene-propan-2-yl]amino]butanoic acid' 'C10 H16 N4 O4'
MTA non-polymer 5'-DEOXY-5'-METHYLTHIOADENOSINE 'C11 H15 N5 O3 S'
#
# COMPACT_ATOMS: atom_id res chain seq x y z
N ASN A 14 -12.42 -14.97 -18.85
CA ASN A 14 -13.65 -14.72 -18.04
C ASN A 14 -14.48 -16.01 -17.92
N GLU A 15 -14.71 -16.66 -19.07
CA GLU A 15 -15.51 -17.89 -19.16
C GLU A 15 -14.76 -19.05 -18.48
N ILE A 16 -13.43 -19.10 -18.70
CA ILE A 16 -12.56 -20.15 -18.16
C ILE A 16 -12.57 -20.08 -16.62
N LYS A 17 -12.62 -18.86 -16.07
CA LYS A 17 -12.56 -18.59 -14.63
C LYS A 17 -13.31 -19.65 -13.84
N LEU A 18 -14.52 -20.00 -14.29
CA LEU A 18 -15.40 -20.98 -13.63
C LEU A 18 -14.68 -22.31 -13.44
N ILE A 19 -14.09 -22.83 -14.52
CA ILE A 19 -13.48 -24.18 -14.56
C ILE A 19 -12.41 -24.28 -13.47
N LEU A 20 -11.57 -23.25 -13.35
CA LEU A 20 -10.43 -23.27 -12.43
C LEU A 20 -10.94 -23.24 -10.98
N GLN A 21 -11.95 -22.41 -10.73
CA GLN A 21 -12.59 -22.29 -9.41
C GLN A 21 -13.33 -23.58 -9.07
N GLN A 22 -13.86 -24.26 -10.09
CA GLN A 22 -14.50 -25.57 -9.94
C GLN A 22 -13.44 -26.63 -9.58
N TYR A 23 -12.28 -26.57 -10.24
CA TYR A 23 -11.18 -27.49 -9.97
C TYR A 23 -10.64 -27.24 -8.55
N LEU A 24 -10.43 -25.98 -8.19
CA LEU A 24 -9.93 -25.59 -6.87
C LEU A 24 -10.84 -26.16 -5.77
N GLU A 25 -12.15 -25.98 -5.93
CA GLU A 25 -13.15 -26.46 -4.98
C GLU A 25 -13.11 -27.99 -4.89
N LYS A 26 -13.01 -28.65 -6.04
CA LYS A 26 -13.00 -30.11 -6.12
C LYS A 26 -11.73 -30.65 -5.43
N PHE A 27 -10.57 -30.09 -5.79
CA PHE A 27 -9.29 -30.49 -5.20
C PHE A 27 -9.31 -30.29 -3.69
N GLU A 28 -9.92 -29.19 -3.23
CA GLU A 28 -10.05 -28.88 -1.81
C GLU A 28 -10.93 -29.93 -1.11
N ALA A 29 -12.06 -30.27 -1.74
CA ALA A 29 -13.02 -31.24 -1.20
C ALA A 29 -12.42 -32.65 -1.24
N HIS A 30 -11.88 -33.04 -2.39
CA HIS A 30 -11.31 -34.37 -2.63
C HIS A 30 -10.15 -34.66 -1.66
N TYR A 31 -9.38 -33.62 -1.31
CA TYR A 31 -8.22 -33.76 -0.44
C TYR A 31 -8.67 -34.08 1.00
N GLU A 32 -9.63 -33.30 1.52
CA GLU A 32 -10.12 -33.45 2.90
C GLU A 32 -10.82 -34.81 3.06
N ARG A 33 -11.52 -35.25 2.00
CA ARG A 33 -12.29 -36.50 2.02
C ARG A 33 -11.34 -37.71 2.02
N VAL A 34 -10.28 -37.65 1.18
CA VAL A 34 -9.30 -38.72 1.04
C VAL A 34 -8.56 -38.94 2.37
N LEU A 35 -8.33 -37.86 3.13
CA LEU A 35 -7.62 -37.92 4.40
C LEU A 35 -8.44 -38.73 5.43
N GLN A 36 -9.72 -38.39 5.57
CA GLN A 36 -10.57 -38.97 6.63
C GLN A 36 -11.04 -40.38 6.25
N ASP A 37 -11.21 -40.63 4.93
CA ASP A 37 -11.68 -41.92 4.43
C ASP A 37 -10.87 -42.31 3.19
N ASP A 38 -10.45 -43.58 3.12
CA ASP A 38 -9.68 -44.12 2.00
C ASP A 38 -10.63 -44.80 1.00
N GLN A 39 -11.74 -44.13 0.70
CA GLN A 39 -12.76 -44.59 -0.25
C GLN A 39 -12.83 -43.62 -1.44
N TYR A 40 -12.41 -42.37 -1.22
CA TYR A 40 -12.47 -41.30 -2.23
C TYR A 40 -11.12 -41.17 -2.95
N ILE A 41 -10.31 -42.23 -2.95
CA ILE A 41 -9.02 -42.27 -3.63
C ILE A 41 -9.27 -42.26 -5.15
N GLU A 42 -10.12 -43.17 -5.61
CA GLU A 42 -10.48 -43.32 -7.02
C GLU A 42 -10.92 -41.96 -7.59
N ALA A 43 -11.69 -41.22 -6.80
CA ALA A 43 -12.20 -39.90 -7.18
C ALA A 43 -11.04 -38.92 -7.40
N LEU A 44 -10.07 -38.91 -6.46
CA LEU A 44 -8.93 -37.97 -6.50
C LEU A 44 -8.00 -38.32 -7.68
N GLU A 45 -7.72 -39.62 -7.86
CA GLU A 45 -6.87 -40.10 -8.95
C GLU A 45 -7.50 -39.73 -10.30
N THR A 46 -8.83 -39.92 -10.40
CA THR A 46 -9.60 -39.61 -11.61
C THR A 46 -9.60 -38.10 -11.87
N LEU A 47 -9.67 -37.30 -10.80
CA LEU A 47 -9.67 -35.84 -10.88
C LEU A 47 -8.32 -35.35 -11.41
N MET A 48 -7.23 -35.95 -10.93
CA MET A 48 -5.87 -35.58 -11.33
C MET A 48 -5.61 -36.01 -12.78
N ASP A 49 -6.23 -37.12 -13.19
CA ASP A 49 -6.11 -37.61 -14.57
C ASP A 49 -6.79 -36.62 -15.52
N ASP A 50 -7.93 -36.05 -15.09
CA ASP A 50 -8.66 -35.03 -15.85
C ASP A 50 -7.85 -33.73 -15.92
N TYR A 51 -7.32 -33.31 -14.76
CA TYR A 51 -6.54 -32.07 -14.61
C TYR A 51 -5.31 -32.13 -15.52
N SER A 52 -4.63 -33.28 -15.52
CA SER A 52 -3.44 -33.53 -16.34
C SER A 52 -3.77 -33.33 -17.83
N GLU A 53 -4.94 -33.84 -18.24
CA GLU A 53 -5.42 -33.73 -19.62
C GLU A 53 -5.85 -32.29 -19.92
N PHE A 54 -6.46 -31.63 -18.93
CA PHE A 54 -6.97 -30.25 -19.05
C PHE A 54 -5.85 -29.28 -19.46
N ILE A 55 -4.67 -29.42 -18.84
CA ILE A 55 -3.57 -28.45 -19.02
C ILE A 55 -2.78 -28.76 -20.31
N LEU A 56 -3.03 -29.92 -20.92
CA LEU A 56 -2.42 -30.30 -22.19
C LEU A 56 -3.41 -30.10 -23.34
N ASN A 57 -4.58 -29.53 -23.06
CA ASN A 57 -5.61 -29.23 -24.06
C ASN A 57 -5.31 -27.87 -24.69
N PRO A 58 -5.08 -27.80 -26.03
CA PRO A 58 -4.82 -26.53 -26.70
C PRO A 58 -5.94 -25.48 -26.53
N ILE A 59 -7.20 -25.94 -26.50
CA ILE A 59 -8.37 -25.07 -26.43
C ILE A 59 -8.30 -24.22 -25.16
N TYR A 60 -8.14 -24.88 -24.01
CA TYR A 60 -8.15 -24.22 -22.70
C TYR A 60 -6.87 -23.42 -22.48
N GLU A 61 -5.78 -23.83 -23.14
CA GLU A 61 -4.50 -23.10 -23.09
C GLU A 61 -4.70 -21.68 -23.64
N GLN A 62 -5.39 -21.58 -24.79
CA GLN A 62 -5.67 -20.31 -25.45
C GLN A 62 -6.58 -19.45 -24.56
N GLN A 63 -7.62 -20.08 -24.00
CA GLN A 63 -8.58 -19.41 -23.11
C GLN A 63 -7.86 -18.86 -21.88
N PHE A 64 -6.95 -19.66 -21.32
CA PHE A 64 -6.17 -19.30 -20.14
C PHE A 64 -5.28 -18.09 -20.47
N ASN A 65 -4.56 -18.16 -21.59
CA ASN A 65 -3.60 -17.13 -22.01
C ASN A 65 -4.32 -15.82 -22.35
N ALA A 66 -5.58 -15.91 -22.80
CA ALA A 66 -6.39 -14.75 -23.17
C ALA A 66 -6.75 -13.92 -21.93
N TRP A 67 -6.91 -14.60 -20.78
CA TRP A 67 -7.31 -13.98 -19.51
C TRP A 67 -6.14 -13.14 -18.97
N ARG A 68 -6.46 -11.92 -18.50
CA ARG A 68 -5.46 -10.91 -18.16
C ARG A 68 -5.47 -10.63 -16.65
N ASP A 69 -6.59 -10.06 -16.15
CA ASP A 69 -6.75 -9.59 -14.76
C ASP A 69 -5.69 -10.24 -13.85
N VAL A 70 -4.60 -9.50 -13.61
CA VAL A 70 -3.37 -10.02 -13.01
C VAL A 70 -3.66 -10.56 -11.59
N GLU A 71 -4.09 -9.66 -10.70
CA GLU A 71 -4.22 -9.93 -9.27
C GLU A 71 -5.05 -11.20 -9.02
N GLU A 72 -6.28 -11.21 -9.55
CA GLU A 72 -7.24 -12.29 -9.34
C GLU A 72 -6.70 -13.61 -9.90
N LYS A 73 -6.18 -13.56 -11.14
CA LYS A 73 -5.67 -14.75 -11.84
C LYS A 73 -4.49 -15.33 -11.05
N ALA A 74 -3.54 -14.48 -10.68
CA ALA A 74 -2.33 -14.88 -9.95
C ALA A 74 -2.69 -15.61 -8.66
N GLN A 75 -3.66 -15.06 -7.91
CA GLN A 75 -4.14 -15.63 -6.64
C GLN A 75 -4.78 -17.00 -6.90
N LEU A 76 -5.55 -17.10 -7.98
CA LEU A 76 -6.24 -18.34 -8.36
C LEU A 76 -5.22 -19.43 -8.72
N ILE A 77 -4.20 -19.05 -9.50
CA ILE A 77 -3.10 -19.94 -9.87
C ILE A 77 -2.35 -20.36 -8.58
N LYS A 78 -2.05 -19.37 -7.73
CA LYS A 78 -1.32 -19.58 -6.49
C LYS A 78 -2.08 -20.55 -5.58
N SER A 79 -3.40 -20.36 -5.48
CA SER A 79 -4.26 -21.21 -4.66
C SER A 79 -4.28 -22.64 -5.20
N LEU A 80 -4.28 -22.78 -6.54
CA LEU A 80 -4.32 -24.07 -7.21
C LEU A 80 -2.98 -24.81 -7.03
N GLN A 81 -1.88 -24.06 -7.08
CA GLN A 81 -0.53 -24.62 -6.91
C GLN A 81 -0.44 -25.34 -5.55
N TYR A 82 -0.94 -24.71 -4.49
CA TYR A 82 -0.82 -25.22 -3.13
C TYR A 82 -1.63 -26.53 -2.97
N ILE A 83 -2.90 -26.50 -3.36
CA ILE A 83 -3.81 -27.63 -3.12
C ILE A 83 -3.35 -28.84 -3.93
N THR A 84 -2.93 -28.62 -5.18
CA THR A 84 -2.49 -29.70 -6.08
C THR A 84 -1.15 -30.28 -5.57
N ALA A 85 -0.33 -29.42 -4.95
CA ALA A 85 0.89 -29.86 -4.28
C ALA A 85 0.56 -30.94 -3.23
N GLN A 86 -0.44 -30.66 -2.38
CA GLN A 86 -0.82 -31.55 -1.30
C GLN A 86 -1.41 -32.84 -1.89
N CYS A 87 -2.13 -32.73 -3.01
CA CYS A 87 -2.78 -33.86 -3.66
C CYS A 87 -1.75 -34.83 -4.26
N VAL A 88 -0.69 -34.28 -4.88
CA VAL A 88 0.39 -35.09 -5.44
C VAL A 88 1.08 -35.87 -4.33
N LYS A 89 1.34 -35.20 -3.20
CA LYS A 89 1.94 -35.83 -2.01
C LYS A 89 1.13 -37.05 -1.60
N GLN A 90 -0.20 -36.89 -1.49
CA GLN A 90 -1.09 -37.92 -0.98
C GLN A 90 -1.22 -39.07 -2.00
N VAL A 91 -1.31 -38.70 -3.28
CA VAL A 91 -1.42 -39.68 -4.37
C VAL A 91 -0.15 -40.54 -4.43
N GLU A 92 1.00 -39.97 -4.04
CA GLU A 92 2.26 -40.73 -3.94
C GLU A 92 2.21 -41.64 -2.71
N VAL A 93 1.70 -41.12 -1.59
CA VAL A 93 1.54 -41.90 -0.36
C VAL A 93 0.64 -43.11 -0.64
N ILE A 94 -0.49 -42.86 -1.31
CA ILE A 94 -1.48 -43.90 -1.65
C ILE A 94 -0.80 -45.00 -2.49
N ARG A 95 -0.03 -44.59 -3.50
CA ARG A 95 0.66 -45.53 -4.40
C ARG A 95 1.71 -46.31 -3.62
N ALA A 96 2.38 -45.65 -2.67
CA ALA A 96 3.43 -46.26 -1.87
C ALA A 96 2.83 -47.35 -0.96
N ARG A 97 1.76 -47.01 -0.25
CA ARG A 97 1.08 -47.93 0.68
C ARG A 97 0.55 -49.15 -0.10
N ARG A 98 0.10 -48.92 -1.34
CA ARG A 98 -0.52 -49.94 -2.18
C ARG A 98 0.53 -50.96 -2.63
N LEU A 99 1.73 -50.47 -2.96
CA LEU A 99 2.86 -51.32 -3.37
C LEU A 99 3.33 -52.16 -2.18
N LEU A 100 3.39 -51.54 -0.99
CA LEU A 100 3.80 -52.21 0.24
C LEU A 100 2.76 -53.26 0.64
N ASP A 101 1.51 -53.05 0.21
CA ASP A 101 0.40 -53.99 0.43
C ASP A 101 0.34 -55.03 -0.70
N GLY A 102 1.31 -54.99 -1.63
CA GLY A 102 1.57 -56.06 -2.60
C GLY A 102 0.96 -55.83 -3.97
N GLN A 103 0.51 -54.60 -4.26
CA GLN A 103 -0.16 -54.28 -5.53
C GLN A 103 0.51 -53.07 -6.18
N ALA A 104 1.17 -53.32 -7.32
CA ALA A 104 1.69 -52.28 -8.18
C ALA A 104 0.53 -51.62 -8.92
N SER A 105 0.68 -50.33 -9.26
CA SER A 105 -0.39 -49.55 -9.86
C SER A 105 0.17 -48.32 -10.58
N THR A 106 -0.70 -47.68 -11.36
CA THR A 106 -0.40 -46.40 -12.00
C THR A 106 -1.72 -45.67 -12.31
N THR A 107 -1.60 -44.47 -12.87
CA THR A 107 -2.73 -43.64 -13.25
C THR A 107 -2.39 -42.90 -14.55
N GLY A 108 -3.36 -42.15 -15.07
CA GLY A 108 -3.10 -41.19 -16.14
C GLY A 108 -1.97 -40.24 -15.76
N TYR A 109 -2.03 -39.71 -14.53
CA TYR A 109 -1.07 -38.72 -14.03
C TYR A 109 0.35 -39.33 -13.96
N PHE A 110 0.48 -40.49 -13.31
CA PHE A 110 1.79 -41.10 -13.09
C PHE A 110 2.39 -41.58 -14.42
N ASP A 111 1.53 -42.10 -15.31
CA ASP A 111 1.95 -42.60 -16.61
C ASP A 111 2.52 -41.45 -17.46
N ASN A 112 1.97 -40.25 -17.28
CA ASN A 112 2.40 -39.06 -18.01
C ASN A 112 3.84 -38.69 -17.62
N ILE A 113 4.14 -38.65 -16.32
CA ILE A 113 5.39 -38.08 -15.80
C ILE A 113 6.53 -39.11 -15.87
N GLU A 114 6.21 -40.40 -15.69
CA GLU A 114 7.23 -41.45 -15.52
C GLU A 114 7.79 -41.91 -16.87
N HIS A 115 7.47 -41.19 -17.95
CA HIS A 115 7.96 -41.50 -19.30
C HIS A 115 9.42 -41.06 -19.46
N CYS A 116 9.64 -39.75 -19.61
CA CYS A 116 10.94 -39.20 -20.01
C CYS A 116 11.70 -38.67 -18.79
N ILE A 117 11.83 -39.50 -17.75
CA ILE A 117 12.61 -39.17 -16.56
C ILE A 117 14.10 -39.39 -16.86
N ASP A 118 14.39 -40.36 -17.74
CA ASP A 118 15.76 -40.70 -18.13
C ASP A 118 16.40 -39.48 -18.82
N GLU A 119 15.73 -38.98 -19.87
CA GLU A 119 16.25 -37.91 -20.72
C GLU A 119 15.65 -36.55 -20.30
N GLU A 120 15.76 -36.23 -19.01
CA GLU A 120 15.43 -34.90 -18.50
C GLU A 120 16.65 -33.99 -18.65
N PHE A 121 17.82 -34.53 -18.30
CA PHE A 121 19.11 -33.91 -18.60
C PHE A 121 19.43 -34.11 -20.08
N GLY A 122 19.31 -35.37 -20.53
CA GLY A 122 19.55 -35.77 -21.91
C GLY A 122 19.75 -37.27 -22.01
N GLN A 123 19.81 -37.77 -23.25
CA GLN A 123 20.02 -39.19 -23.54
C GLN A 123 21.49 -39.54 -23.24
N CYS A 124 21.68 -40.59 -22.42
CA CYS A 124 23.00 -41.10 -22.03
C CYS A 124 23.85 -39.97 -21.44
N SER A 125 23.25 -39.18 -20.54
CA SER A 125 23.89 -38.02 -19.92
C SER A 125 24.54 -38.42 -18.58
N ILE A 126 23.82 -39.21 -17.78
CA ILE A 126 24.29 -39.67 -16.47
C ILE A 126 24.98 -41.03 -16.65
N THR A 127 26.22 -41.12 -16.14
CA THR A 127 27.05 -42.32 -16.21
C THR A 127 27.07 -43.00 -14.84
N SER A 128 27.77 -44.14 -14.77
CA SER A 128 27.87 -44.99 -13.57
C SER A 128 28.62 -44.26 -12.44
N ASN A 129 29.57 -43.38 -12.80
CA ASN A 129 30.46 -42.72 -11.85
C ASN A 129 29.81 -41.44 -11.30
N ASP A 130 28.73 -40.97 -11.94
CA ASP A 130 28.05 -39.72 -11.58
C ASP A 130 27.23 -39.93 -10.30
N LYS A 131 26.73 -38.81 -9.75
CA LYS A 131 25.92 -38.79 -8.53
C LYS A 131 24.83 -37.72 -8.66
N LEU A 132 23.56 -38.14 -8.57
CA LEU A 132 22.40 -37.27 -8.75
C LEU A 132 21.77 -36.94 -7.39
N LEU A 133 21.35 -35.68 -7.23
CA LEU A 133 20.65 -35.20 -6.04
C LEU A 133 19.24 -34.75 -6.47
N LEU A 134 18.21 -35.35 -5.85
CA LEU A 134 16.82 -35.02 -6.08
C LEU A 134 16.29 -34.24 -4.88
N VAL A 135 15.83 -33.01 -5.13
CA VAL A 135 15.23 -32.14 -4.11
C VAL A 135 13.71 -32.36 -4.16
N GLY A 136 13.15 -32.88 -3.06
CA GLY A 136 11.73 -33.19 -2.95
C GLY A 136 11.40 -34.53 -3.61
N SER A 137 11.91 -35.60 -2.99
CA SER A 137 11.88 -36.94 -3.55
C SER A 137 10.45 -37.51 -3.57
N GLY A 138 9.71 -37.28 -2.48
CA GLY A 138 8.32 -37.72 -2.35
C GLY A 138 8.22 -39.13 -1.80
N ALA A 139 6.98 -39.57 -1.56
CA ALA A 139 6.68 -40.89 -0.98
C ALA A 139 6.94 -42.00 -2.00
N TYR A 140 6.87 -41.66 -3.29
CA TYR A 140 7.15 -42.59 -4.38
C TYR A 140 8.24 -42.00 -5.27
N PRO A 141 9.53 -42.12 -4.86
CA PRO A 141 10.64 -41.53 -5.63
C PRO A 141 11.01 -42.35 -6.87
N MET A 142 10.26 -42.14 -7.96
CA MET A 142 10.47 -42.79 -9.26
C MET A 142 11.84 -42.41 -9.83
N THR A 143 12.17 -41.11 -9.74
CA THR A 143 13.36 -40.53 -10.34
C THR A 143 14.62 -41.21 -9.78
N LEU A 144 14.65 -41.40 -8.46
CA LEU A 144 15.76 -42.08 -7.79
C LEU A 144 15.88 -43.51 -8.30
N ILE A 145 14.74 -44.21 -8.35
CA ILE A 145 14.68 -45.64 -8.68
C ILE A 145 15.07 -45.85 -10.15
N GLN A 146 14.49 -45.03 -11.04
CA GLN A 146 14.64 -45.20 -12.48
C GLN A 146 16.06 -44.84 -12.94
N VAL A 147 16.64 -43.78 -12.35
CA VAL A 147 18.00 -43.36 -12.67
C VAL A 147 19.00 -44.38 -12.13
N ALA A 148 18.77 -44.84 -10.89
CA ALA A 148 19.68 -45.74 -10.18
C ALA A 148 19.81 -47.06 -10.95
N LYS A 149 18.68 -47.63 -11.37
CA LYS A 149 18.66 -48.93 -12.05
C LYS A 149 19.13 -48.79 -13.50
N GLU A 150 18.85 -47.63 -14.12
CA GLU A 150 19.17 -47.39 -15.53
C GLU A 150 20.67 -47.15 -15.71
N THR A 151 21.23 -46.24 -14.90
CA THR A 151 22.62 -45.77 -15.07
C THR A 151 23.58 -46.50 -14.12
N GLY A 152 23.07 -46.97 -12.98
CA GLY A 152 23.88 -47.66 -11.96
C GLY A 152 24.67 -46.69 -11.11
N ALA A 153 24.13 -45.47 -10.95
CA ALA A 153 24.80 -44.38 -10.25
C ALA A 153 24.26 -44.28 -8.82
N SER A 154 25.04 -43.60 -7.95
CA SER A 154 24.60 -43.23 -6.62
C SER A 154 23.62 -42.05 -6.73
N VAL A 155 22.54 -42.10 -5.94
CA VAL A 155 21.52 -41.06 -5.97
C VAL A 155 21.10 -40.73 -4.52
N ILE A 156 20.84 -39.44 -4.28
CA ILE A 156 20.40 -38.94 -2.98
C ILE A 156 19.05 -38.23 -3.18
N GLY A 157 18.20 -38.33 -2.16
CA GLY A 157 16.92 -37.64 -2.13
C GLY A 157 16.71 -36.92 -0.80
N ILE A 158 16.24 -35.67 -0.86
CA ILE A 158 15.90 -34.90 0.33
C ILE A 158 14.43 -34.50 0.27
N ASP A 159 13.79 -34.44 1.45
CA ASP A 159 12.38 -34.09 1.58
C ASP A 159 12.13 -33.56 3.00
N ILE A 160 11.42 -32.44 3.09
CA ILE A 160 11.09 -31.80 4.37
C ILE A 160 9.99 -32.58 5.09
N ASP A 161 9.28 -33.45 4.35
CA ASP A 161 8.19 -34.28 4.87
C ASP A 161 8.77 -35.61 5.36
N PRO A 162 8.70 -35.93 6.67
CA PRO A 162 9.19 -37.22 7.19
C PRO A 162 8.45 -38.45 6.65
N GLN A 163 7.13 -38.31 6.41
CA GLN A 163 6.31 -39.38 5.84
C GLN A 163 6.85 -39.78 4.46
N ALA A 164 7.24 -38.78 3.67
CA ALA A 164 7.80 -38.98 2.34
C ALA A 164 9.15 -39.71 2.44
N VAL A 165 9.97 -39.29 3.40
CA VAL A 165 11.28 -39.91 3.66
C VAL A 165 11.06 -41.38 4.02
N ASP A 166 10.19 -41.64 4.99
CA ASP A 166 9.91 -42.98 5.52
C ASP A 166 9.44 -43.89 4.39
N LEU A 167 8.34 -43.52 3.73
CA LEU A 167 7.73 -44.33 2.67
C LEU A 167 8.70 -44.46 1.49
N GLY A 168 9.42 -43.37 1.18
CA GLY A 168 10.43 -43.34 0.13
C GLY A 168 11.49 -44.42 0.32
N ARG A 169 11.98 -44.55 1.56
CA ARG A 169 12.98 -45.55 1.91
C ARG A 169 12.42 -46.97 1.72
N ARG A 170 11.16 -47.15 2.11
CA ARG A 170 10.49 -48.46 2.06
C ARG A 170 10.24 -48.87 0.60
N ILE A 171 9.87 -47.90 -0.24
CA ILE A 171 9.58 -48.14 -1.66
C ILE A 171 10.88 -48.47 -2.39
N VAL A 172 11.94 -47.71 -2.12
CA VAL A 172 13.28 -47.94 -2.68
C VAL A 172 13.73 -49.37 -2.32
N ASN A 173 13.43 -49.81 -1.10
CA ASN A 173 13.83 -51.13 -0.59
C ASN A 173 13.12 -52.24 -1.39
N VAL A 174 11.91 -51.95 -1.88
CA VAL A 174 11.09 -52.92 -2.61
C VAL A 174 11.59 -53.02 -4.06
N LEU A 175 11.78 -51.87 -4.72
CA LEU A 175 11.94 -51.81 -6.17
C LEU A 175 13.43 -51.77 -6.58
N ALA A 176 14.29 -51.23 -5.72
CA ALA A 176 15.73 -51.09 -6.02
C ALA A 176 16.55 -51.30 -4.74
N PRO A 177 16.55 -52.52 -4.16
CA PRO A 177 17.22 -52.77 -2.89
C PRO A 177 18.76 -52.75 -2.94
N ASN A 178 19.33 -53.15 -4.09
CA ASN A 178 20.77 -53.34 -4.23
C ASN A 178 21.43 -52.09 -4.83
N GLU A 179 20.64 -51.06 -5.16
CA GLU A 179 21.14 -49.81 -5.75
C GLU A 179 21.48 -48.83 -4.63
N ASP A 180 22.42 -47.92 -4.93
CA ASP A 180 22.94 -46.94 -3.97
C ASP A 180 21.97 -45.76 -3.90
N ILE A 181 20.92 -45.91 -3.07
CA ILE A 181 19.87 -44.91 -2.92
C ILE A 181 19.72 -44.58 -1.43
N THR A 182 20.03 -43.33 -1.06
CA THR A 182 19.84 -42.83 0.30
C THR A 182 18.89 -41.63 0.26
N ILE A 183 17.97 -41.57 1.23
CA ILE A 183 17.01 -40.48 1.37
C ILE A 183 17.05 -39.99 2.83
N THR A 184 17.19 -38.66 3.00
CA THR A 184 17.23 -38.01 4.31
C THR A 184 16.30 -36.79 4.30
N ASP A 185 16.20 -36.12 5.45
CA ASP A 185 15.46 -34.86 5.58
C ASP A 185 16.44 -33.69 5.69
N GLN A 186 17.68 -33.90 5.24
CA GLN A 186 18.74 -32.90 5.29
C GLN A 186 18.45 -31.80 4.26
N LYS A 187 19.04 -30.62 4.50
CA LYS A 187 19.04 -29.52 3.54
C LYS A 187 20.39 -29.50 2.83
N VAL A 188 20.45 -28.80 1.69
CA VAL A 188 21.62 -28.79 0.81
C VAL A 188 22.89 -28.42 1.59
N SER A 189 22.74 -27.54 2.59
CA SER A 189 23.85 -27.09 3.44
C SER A 189 24.33 -28.21 4.37
N GLU A 190 23.42 -29.12 4.74
CA GLU A 190 23.70 -30.21 5.69
C GLU A 190 24.35 -31.41 5.00
N LEU A 191 24.25 -31.48 3.66
CA LEU A 191 24.79 -32.61 2.90
C LEU A 191 26.32 -32.56 2.94
N LYS A 192 26.94 -33.68 3.34
CA LYS A 192 28.38 -33.78 3.60
C LYS A 192 29.15 -33.77 2.28
N ASP A 193 28.68 -34.55 1.30
CA ASP A 193 29.37 -34.77 0.03
C ASP A 193 28.62 -34.08 -1.12
N ILE A 194 28.36 -32.77 -0.94
CA ILE A 194 27.65 -31.96 -1.94
C ILE A 194 28.62 -31.62 -3.09
N LYS A 195 29.93 -31.59 -2.78
CA LYS A 195 30.97 -31.20 -3.74
C LYS A 195 31.17 -32.30 -4.79
N ASP A 196 30.74 -33.53 -4.48
CA ASP A 196 30.89 -34.70 -5.37
C ASP A 196 29.66 -34.85 -6.28
N VAL A 197 28.59 -34.06 -6.02
CA VAL A 197 27.34 -34.16 -6.77
C VAL A 197 27.55 -33.60 -8.18
N THR A 198 27.14 -34.39 -9.18
CA THR A 198 27.34 -34.10 -10.61
C THR A 198 26.05 -33.54 -11.23
N HIS A 199 24.90 -34.11 -10.84
CA HIS A 199 23.58 -33.74 -11.35
C HIS A 199 22.66 -33.39 -10.18
N ILE A 200 21.72 -32.47 -10.42
CA ILE A 200 20.72 -32.04 -9.43
C ILE A 200 19.38 -31.86 -10.15
N ILE A 201 18.35 -32.57 -9.68
CA ILE A 201 16.97 -32.42 -10.16
C ILE A 201 16.13 -31.75 -9.06
N PHE A 202 15.35 -30.75 -9.47
CA PHE A 202 14.33 -30.11 -8.62
C PHE A 202 12.94 -30.61 -9.04
N SER A 203 12.12 -30.97 -8.06
CA SER A 203 10.71 -31.24 -8.29
C SER A 203 9.97 -29.91 -8.52
N SER A 204 9.11 -29.89 -9.53
CA SER A 204 8.34 -28.71 -9.94
C SER A 204 7.65 -28.07 -8.73
N THR A 205 6.88 -28.87 -7.98
CA THR A 205 5.99 -28.37 -6.95
C THR A 205 6.76 -28.15 -5.64
N ILE A 206 7.76 -27.27 -5.69
CA ILE A 206 8.54 -26.85 -4.51
C ILE A 206 8.58 -25.32 -4.51
N PRO A 207 7.95 -24.65 -3.52
CA PRO A 207 7.89 -23.18 -3.49
C PRO A 207 9.22 -22.45 -3.23
N LEU A 208 10.25 -23.17 -2.75
CA LEU A 208 11.56 -22.57 -2.43
C LEU A 208 12.65 -23.08 -3.38
N LYS A 209 12.26 -23.65 -4.53
CA LYS A 209 13.21 -24.37 -5.40
C LYS A 209 14.26 -23.42 -5.98
N TYR A 210 13.85 -22.19 -6.34
CA TYR A 210 14.76 -21.18 -6.90
C TYR A 210 15.59 -20.54 -5.78
N SER A 211 15.03 -20.51 -4.56
CA SER A 211 15.74 -20.03 -3.38
C SER A 211 16.89 -20.99 -3.03
N ILE A 212 16.66 -22.29 -3.23
CA ILE A 212 17.64 -23.35 -2.96
C ILE A 212 18.62 -23.45 -4.14
N LEU A 213 18.17 -23.10 -5.34
CA LEU A 213 19.02 -23.06 -6.53
C LEU A 213 20.17 -22.07 -6.28
N GLU A 214 19.83 -20.83 -5.95
CA GLU A 214 20.80 -19.75 -5.69
C GLU A 214 21.80 -20.17 -4.61
N GLU A 215 21.29 -20.84 -3.55
CA GLU A 215 22.10 -21.32 -2.43
C GLU A 215 23.14 -22.34 -2.90
N LEU A 216 22.74 -23.21 -3.84
CA LEU A 216 23.53 -24.37 -4.28
C LEU A 216 24.74 -23.95 -5.12
N TYR A 217 24.80 -22.69 -5.54
CA TYR A 217 25.89 -22.19 -6.40
C TYR A 217 27.25 -22.40 -5.73
N ASP A 218 27.42 -21.88 -4.51
CA ASP A 218 28.70 -21.90 -3.81
C ASP A 218 28.96 -23.27 -3.17
N LEU A 219 27.90 -24.07 -2.99
CA LEU A 219 27.99 -25.39 -2.35
C LEU A 219 28.52 -26.45 -3.33
N THR A 220 28.15 -26.32 -4.61
CA THR A 220 28.42 -27.33 -5.64
C THR A 220 29.70 -26.98 -6.41
N ASN A 221 30.27 -28.01 -7.07
CA ASN A 221 31.48 -27.88 -7.90
C ASN A 221 31.13 -27.14 -9.20
N GLU A 222 32.16 -26.91 -10.04
CA GLU A 222 32.08 -26.04 -11.21
C GLU A 222 31.52 -26.78 -12.43
N ASN A 223 31.38 -28.11 -12.34
CA ASN A 223 30.96 -28.94 -13.47
C ASN A 223 29.52 -29.45 -13.26
N VAL A 224 28.84 -28.97 -12.21
CA VAL A 224 27.50 -29.41 -11.87
C VAL A 224 26.50 -28.84 -12.89
N VAL A 225 25.43 -29.61 -13.14
CA VAL A 225 24.33 -29.21 -14.02
C VAL A 225 23.02 -29.43 -13.25
N VAL A 226 22.08 -28.48 -13.39
CA VAL A 226 20.82 -28.51 -12.63
C VAL A 226 19.65 -28.59 -13.62
N ALA A 227 18.73 -29.53 -13.36
CA ALA A 227 17.47 -29.66 -14.08
C ALA A 227 16.33 -29.17 -13.18
N MET A 228 15.78 -27.99 -13.51
CA MET A 228 14.68 -27.39 -12.78
C MET A 228 13.36 -27.73 -13.47
N ARG A 229 12.56 -28.58 -12.85
CA ARG A 229 11.21 -28.88 -13.30
C ARG A 229 10.33 -27.65 -13.03
N PHE A 230 9.47 -27.31 -13.98
CA PHE A 230 8.63 -26.12 -13.89
C PHE A 230 7.46 -26.22 -14.88
N GLY A 231 6.53 -25.27 -14.75
CA GLY A 231 5.43 -25.07 -15.69
C GLY A 231 5.00 -23.62 -15.73
N ASP A 232 5.06 -23.01 -16.92
CA ASP A 232 4.61 -21.64 -17.15
C ASP A 232 3.24 -21.70 -17.84
N GLY A 233 2.65 -20.52 -18.08
CA GLY A 233 1.33 -20.40 -18.69
C GLY A 233 0.29 -21.20 -17.92
N ILE A 234 -0.48 -22.02 -18.64
CA ILE A 234 -1.57 -22.82 -18.06
C ILE A 234 -1.00 -23.93 -17.17
N LYS A 235 0.23 -24.37 -17.44
CA LYS A 235 0.87 -25.44 -16.66
C LYS A 235 1.17 -24.97 -15.24
N ALA A 236 1.25 -23.64 -15.03
CA ALA A 236 1.57 -23.05 -13.74
C ALA A 236 0.51 -23.36 -12.68
N ILE A 237 -0.69 -23.81 -13.10
CA ILE A 237 -1.76 -24.18 -12.18
C ILE A 237 -1.45 -25.53 -11.52
N PHE A 238 -0.49 -26.28 -12.08
CA PHE A 238 -0.13 -27.63 -11.61
C PHE A 238 1.40 -27.72 -11.42
N ASN A 239 2.06 -26.56 -11.33
CA ASN A 239 3.52 -26.43 -11.28
C ASN A 239 3.86 -25.07 -10.67
N TYR A 240 5.09 -24.93 -10.15
CA TYR A 240 5.65 -23.60 -9.85
C TYR A 240 6.48 -23.15 -11.05
N PRO A 241 6.28 -21.91 -11.54
CA PRO A 241 6.87 -21.49 -12.82
C PRO A 241 8.40 -21.29 -12.77
N SER A 242 8.99 -21.04 -13.93
CA SER A 242 10.39 -20.65 -14.07
C SER A 242 10.59 -19.24 -13.50
N GLN A 243 11.86 -18.86 -13.32
CA GLN A 243 12.24 -17.56 -12.78
C GLN A 243 13.59 -17.15 -13.40
N GLU A 244 13.84 -15.84 -13.45
CA GLU A 244 15.15 -15.30 -13.78
C GLU A 244 16.13 -15.65 -12.65
N THR A 245 17.39 -15.91 -13.01
CA THR A 245 18.45 -16.23 -12.06
C THR A 245 19.45 -15.06 -12.01
N ALA A 246 20.13 -14.93 -10.87
CA ALA A 246 21.09 -13.86 -10.61
C ALA A 246 22.19 -13.88 -11.69
N GLU A 247 22.59 -12.67 -12.13
CA GLU A 247 23.56 -12.49 -13.21
C GLU A 247 24.94 -12.93 -12.72
N ASP A 248 25.69 -13.61 -13.60
CA ASP A 248 27.05 -14.07 -13.35
C ASP A 248 27.02 -15.15 -12.25
N LYS A 249 26.08 -16.10 -12.40
CA LYS A 249 25.97 -17.27 -11.52
C LYS A 249 25.38 -18.43 -12.33
N TRP A 250 24.06 -18.65 -12.22
CA TRP A 250 23.36 -19.73 -12.92
C TRP A 250 22.94 -19.26 -14.31
N GLN A 251 23.34 -20.01 -15.34
CA GLN A 251 23.02 -19.72 -16.74
C GLN A 251 22.08 -20.79 -17.27
N CYS A 252 20.91 -20.38 -17.76
CA CYS A 252 19.96 -21.27 -18.43
C CYS A 252 20.50 -21.60 -19.82
N VAL A 253 20.94 -22.85 -20.01
CA VAL A 253 21.55 -23.31 -21.27
C VAL A 253 20.47 -23.93 -22.17
N ASN A 254 19.34 -24.34 -21.58
CA ASN A 254 18.27 -24.99 -22.33
C ASN A 254 16.97 -24.93 -21.52
N LYS A 255 15.87 -24.56 -22.20
CA LYS A 255 14.51 -24.72 -21.70
C LYS A 255 13.81 -25.77 -22.57
N HIS A 256 13.46 -26.89 -21.94
CA HIS A 256 12.97 -28.09 -22.61
C HIS A 256 11.45 -28.17 -22.45
N MET A 257 10.73 -27.60 -23.42
CA MET A 257 9.26 -27.61 -23.45
C MET A 257 8.79 -28.99 -23.93
N ARG A 258 7.83 -29.57 -23.19
CA ARG A 258 7.25 -30.87 -23.52
C ARG A 258 5.75 -30.70 -23.69
N PRO A 259 5.24 -30.51 -24.94
CA PRO A 259 3.81 -30.27 -25.18
C PRO A 259 2.82 -31.36 -24.73
N GLN A 260 3.32 -32.58 -24.47
CA GLN A 260 2.45 -33.71 -24.09
C GLN A 260 2.69 -34.13 -22.63
N GLN A 261 3.60 -33.45 -21.92
CA GLN A 261 3.90 -33.73 -20.51
C GLN A 261 3.48 -32.55 -19.64
N ILE A 262 3.13 -32.84 -18.38
CA ILE A 262 2.53 -31.85 -17.46
C ILE A 262 3.58 -30.84 -17.00
N PHE A 263 4.87 -31.22 -16.99
CA PHE A 263 5.94 -30.28 -16.60
C PHE A 263 7.03 -30.24 -17.68
N ASP A 264 7.69 -29.07 -17.75
CA ASP A 264 8.83 -28.80 -18.62
C ASP A 264 10.10 -28.78 -17.76
N ILE A 265 11.27 -28.66 -18.40
CA ILE A 265 12.56 -28.71 -17.70
C ILE A 265 13.45 -27.55 -18.18
N ALA A 266 14.08 -26.88 -17.22
CA ALA A 266 15.07 -25.83 -17.47
C ALA A 266 16.43 -26.29 -16.94
N LEU A 267 17.44 -26.31 -17.82
CA LEU A 267 18.79 -26.76 -17.49
C LEU A 267 19.68 -25.55 -17.17
N TYR A 268 20.27 -25.56 -15.98
CA TYR A 268 21.17 -24.51 -15.51
C TYR A 268 22.58 -25.09 -15.34
N LYS A 269 23.58 -24.30 -15.73
CA LYS A 269 24.99 -24.61 -15.54
C LYS A 269 25.71 -23.36 -15.04
N LYS A 270 27.00 -23.50 -14.72
CA LYS A 270 27.83 -22.40 -14.27
C LYS A 270 28.05 -21.43 -15.43
N ALA A 271 28.09 -20.12 -15.10
CA ALA A 271 28.26 -19.04 -16.08
C ALA A 271 29.65 -19.10 -16.72
N ALA A 272 30.62 -19.70 -15.99
CA ALA A 272 31.98 -19.93 -16.50
C ALA A 272 32.47 -21.30 -16.00
N ASN B 14 34.25 -0.19 -6.59
CA ASN B 14 34.09 -1.48 -5.86
C ASN B 14 32.84 -1.41 -4.97
N GLU B 15 32.82 -0.43 -4.06
CA GLU B 15 31.74 -0.24 -3.10
C GLU B 15 30.54 0.41 -3.81
N ILE B 16 30.82 1.37 -4.69
CA ILE B 16 29.82 2.10 -5.47
C ILE B 16 29.10 1.14 -6.44
N LYS B 17 29.83 0.12 -6.93
CA LYS B 17 29.33 -0.85 -7.90
C LYS B 17 27.99 -1.45 -7.42
N LEU B 18 27.96 -1.90 -6.16
CA LEU B 18 26.81 -2.59 -5.58
C LEU B 18 25.67 -1.60 -5.29
N ILE B 19 26.03 -0.35 -4.98
CA ILE B 19 25.05 0.70 -4.67
C ILE B 19 24.22 0.99 -5.93
N LEU B 20 24.90 1.14 -7.08
CA LEU B 20 24.26 1.43 -8.37
C LEU B 20 23.46 0.21 -8.84
N GLN B 21 23.97 -0.99 -8.53
CA GLN B 21 23.31 -2.26 -8.86
C GLN B 21 21.96 -2.35 -8.11
N GLN B 22 21.96 -1.90 -6.84
CA GLN B 22 20.78 -1.94 -5.98
C GLN B 22 19.73 -0.94 -6.47
N TYR B 23 20.16 0.30 -6.74
CA TYR B 23 19.27 1.36 -7.25
C TYR B 23 18.55 0.89 -8.52
N LEU B 24 19.33 0.35 -9.47
CA LEU B 24 18.81 -0.16 -10.75
C LEU B 24 17.73 -1.21 -10.48
N GLU B 25 18.06 -2.20 -9.63
CA GLU B 25 17.15 -3.30 -9.28
C GLU B 25 15.86 -2.74 -8.68
N LYS B 26 15.99 -1.77 -7.77
CA LYS B 26 14.86 -1.18 -7.07
C LYS B 26 14.02 -0.34 -8.04
N PHE B 27 14.68 0.39 -8.95
CA PHE B 27 14.00 1.23 -9.93
C PHE B 27 13.11 0.38 -10.85
N GLU B 28 13.68 -0.71 -11.38
CA GLU B 28 12.99 -1.61 -12.30
C GLU B 28 11.79 -2.26 -11.59
N ALA B 29 12.00 -2.66 -10.33
CA ALA B 29 10.96 -3.27 -9.49
C ALA B 29 9.88 -2.24 -9.15
N HIS B 30 10.29 -1.01 -8.84
CA HIS B 30 9.38 0.09 -8.50
C HIS B 30 8.58 0.53 -9.73
N TYR B 31 9.22 0.51 -10.90
CA TYR B 31 8.58 0.94 -12.16
C TYR B 31 7.48 -0.05 -12.55
N GLU B 32 7.83 -1.35 -12.54
CA GLU B 32 6.90 -2.43 -12.88
C GLU B 32 5.66 -2.38 -11.98
N ARG B 33 5.89 -2.23 -10.68
CA ARG B 33 4.83 -2.16 -9.67
C ARG B 33 3.93 -0.93 -9.91
N VAL B 34 4.56 0.20 -10.27
CA VAL B 34 3.87 1.48 -10.47
C VAL B 34 2.98 1.41 -11.72
N LEU B 35 3.40 0.66 -12.74
CA LEU B 35 2.63 0.47 -13.97
C LEU B 35 1.26 -0.12 -13.64
N GLN B 36 1.23 -1.13 -12.77
CA GLN B 36 0.02 -1.88 -12.42
C GLN B 36 -0.81 -1.07 -11.40
N ASP B 37 -0.35 -1.04 -10.15
CA ASP B 37 -1.10 -0.49 -9.02
C ASP B 37 -0.52 0.89 -8.65
N ASP B 38 -1.37 1.75 -8.05
CA ASP B 38 -1.04 3.13 -7.73
C ASP B 38 -0.60 3.27 -6.27
N GLN B 39 -0.66 2.18 -5.50
CA GLN B 39 -0.27 2.20 -4.08
C GLN B 39 1.25 2.33 -3.94
N TYR B 40 1.99 1.92 -4.97
CA TYR B 40 3.45 1.92 -4.96
C TYR B 40 4.03 3.23 -5.54
N ILE B 41 3.16 4.20 -5.87
CA ILE B 41 3.57 5.50 -6.40
C ILE B 41 4.45 6.21 -5.35
N GLU B 42 3.97 6.25 -4.10
CA GLU B 42 4.63 6.96 -3.01
C GLU B 42 6.05 6.42 -2.79
N ALA B 43 6.21 5.10 -2.96
CA ALA B 43 7.50 4.42 -2.82
C ALA B 43 8.48 4.91 -3.90
N LEU B 44 8.00 4.97 -5.16
CA LEU B 44 8.80 5.42 -6.31
C LEU B 44 9.30 6.86 -6.07
N GLU B 45 8.39 7.72 -5.59
CA GLU B 45 8.70 9.12 -5.28
C GLU B 45 9.83 9.19 -4.25
N THR B 46 9.74 8.34 -3.21
CA THR B 46 10.73 8.26 -2.13
C THR B 46 12.10 7.84 -2.68
N LEU B 47 12.09 6.92 -3.65
CA LEU B 47 13.31 6.39 -4.28
C LEU B 47 13.99 7.49 -5.10
N MET B 48 13.23 8.15 -5.98
CA MET B 48 13.75 9.19 -6.88
C MET B 48 14.33 10.36 -6.07
N ASP B 49 13.67 10.71 -4.97
CA ASP B 49 14.13 11.77 -4.07
C ASP B 49 15.46 11.37 -3.42
N ASP B 50 15.57 10.09 -3.05
CA ASP B 50 16.78 9.52 -2.46
C ASP B 50 17.89 9.45 -3.53
N TYR B 51 17.50 9.11 -4.76
CA TYR B 51 18.41 9.02 -5.91
C TYR B 51 18.93 10.41 -6.28
N SER B 52 18.07 11.43 -6.15
CA SER B 52 18.42 12.81 -6.44
C SER B 52 19.51 13.32 -5.49
N GLU B 53 19.35 13.03 -4.20
CA GLU B 53 20.32 13.42 -3.17
C GLU B 53 21.62 12.63 -3.34
N PHE B 54 21.50 11.36 -3.77
CA PHE B 54 22.62 10.43 -3.96
C PHE B 54 23.62 10.98 -4.99
N ILE B 55 23.11 11.51 -6.11
CA ILE B 55 23.95 11.97 -7.23
C ILE B 55 24.57 13.34 -6.91
N LEU B 56 24.10 14.01 -5.85
CA LEU B 56 24.60 15.34 -5.47
C LEU B 56 25.50 15.25 -4.22
N ASN B 57 25.73 14.03 -3.70
CA ASN B 57 26.51 13.81 -2.49
C ASN B 57 28.00 13.69 -2.87
N PRO B 58 28.87 14.58 -2.36
CA PRO B 58 30.30 14.57 -2.71
C PRO B 58 31.02 13.23 -2.52
N ILE B 59 30.67 12.51 -1.43
CA ILE B 59 31.32 11.24 -1.09
C ILE B 59 31.20 10.28 -2.27
N TYR B 60 29.97 10.08 -2.75
CA TYR B 60 29.68 9.10 -3.81
C TYR B 60 30.18 9.61 -5.17
N GLU B 61 30.25 10.94 -5.34
CA GLU B 61 30.83 11.55 -6.53
C GLU B 61 32.28 11.07 -6.68
N GLN B 62 33.07 11.21 -5.61
CA GLN B 62 34.47 10.79 -5.55
C GLN B 62 34.55 9.26 -5.74
N GLN B 63 33.61 8.54 -5.13
CA GLN B 63 33.56 7.08 -5.17
C GLN B 63 33.26 6.61 -6.59
N PHE B 64 32.38 7.34 -7.30
CA PHE B 64 31.98 7.01 -8.68
C PHE B 64 33.13 7.29 -9.65
N ASN B 65 33.75 8.47 -9.50
CA ASN B 65 34.84 8.93 -10.37
C ASN B 65 36.09 8.06 -10.15
N ALA B 66 36.30 7.61 -8.90
CA ALA B 66 37.43 6.77 -8.50
C ALA B 66 37.47 5.50 -9.37
N TRP B 67 36.32 4.82 -9.46
CA TRP B 67 36.17 3.62 -10.29
C TRP B 67 36.29 4.01 -11.78
N ARG B 68 37.43 3.64 -12.39
CA ARG B 68 37.83 4.10 -13.72
C ARG B 68 37.42 3.08 -14.80
N ASP B 69 37.30 1.80 -14.41
CA ASP B 69 37.00 0.71 -15.34
C ASP B 69 35.70 1.03 -16.10
N VAL B 70 35.85 1.62 -17.29
CA VAL B 70 34.73 2.06 -18.13
C VAL B 70 34.46 1.01 -19.20
N GLU B 71 34.13 -0.21 -18.74
CA GLU B 71 33.74 -1.33 -19.60
C GLU B 71 32.32 -1.78 -19.21
N GLU B 72 32.16 -2.17 -17.95
CA GLU B 72 30.87 -2.57 -17.37
C GLU B 72 30.12 -1.34 -16.86
N LYS B 73 30.87 -0.31 -16.43
CA LYS B 73 30.30 0.95 -15.95
C LYS B 73 29.42 1.58 -17.03
N ALA B 74 29.91 1.57 -18.27
CA ALA B 74 29.18 2.08 -19.44
C ALA B 74 27.78 1.45 -19.51
N GLN B 75 27.72 0.12 -19.41
CA GLN B 75 26.49 -0.65 -19.51
C GLN B 75 25.59 -0.36 -18.30
N LEU B 76 26.19 -0.29 -17.11
CA LEU B 76 25.47 -0.07 -15.85
C LEU B 76 24.84 1.33 -15.87
N ILE B 77 25.60 2.32 -16.35
CA ILE B 77 25.11 3.69 -16.52
C ILE B 77 23.92 3.66 -17.50
N LYS B 78 24.09 2.97 -18.63
CA LYS B 78 23.10 2.90 -19.70
C LYS B 78 21.78 2.32 -19.16
N SER B 79 21.88 1.27 -18.33
CA SER B 79 20.72 0.60 -17.74
C SER B 79 19.97 1.57 -16.82
N LEU B 80 20.73 2.31 -16.00
CA LEU B 80 20.16 3.30 -15.08
C LEU B 80 19.57 4.47 -15.88
N GLN B 81 20.25 4.87 -16.96
CA GLN B 81 19.80 5.94 -17.85
C GLN B 81 18.45 5.58 -18.48
N TYR B 82 18.26 4.29 -18.78
CA TYR B 82 17.04 3.79 -19.42
C TYR B 82 15.86 3.87 -18.44
N ILE B 83 16.00 3.20 -17.29
CA ILE B 83 14.88 2.99 -16.36
C ILE B 83 14.48 4.32 -15.71
N THR B 84 15.46 5.19 -15.45
CA THR B 84 15.24 6.48 -14.81
C THR B 84 14.55 7.45 -15.78
N ALA B 85 14.83 7.29 -17.08
CA ALA B 85 14.14 8.02 -18.14
C ALA B 85 12.64 7.74 -18.06
N GLN B 86 12.28 6.46 -17.93
CA GLN B 86 10.89 5.99 -17.89
C GLN B 86 10.24 6.48 -16.59
N CYS B 87 10.97 6.38 -15.48
CA CYS B 87 10.48 6.74 -14.14
C CYS B 87 10.12 8.22 -14.07
N VAL B 88 10.94 9.06 -14.71
CA VAL B 88 10.70 10.50 -14.75
C VAL B 88 9.45 10.77 -15.59
N LYS B 89 9.34 10.09 -16.74
CA LYS B 89 8.18 10.21 -17.63
C LYS B 89 6.90 9.87 -16.88
N GLN B 90 6.94 8.79 -16.09
CA GLN B 90 5.79 8.30 -15.34
C GLN B 90 5.49 9.24 -14.16
N VAL B 91 6.55 9.75 -13.52
CA VAL B 91 6.45 10.68 -12.40
C VAL B 91 5.77 11.98 -12.86
N GLU B 92 6.02 12.38 -14.11
CA GLU B 92 5.40 13.58 -14.70
C GLU B 92 3.92 13.31 -14.98
N VAL B 93 3.61 12.13 -15.54
CA VAL B 93 2.25 11.71 -15.86
C VAL B 93 1.41 11.70 -14.57
N ILE B 94 1.98 11.14 -13.49
CA ILE B 94 1.32 11.06 -12.18
C ILE B 94 0.97 12.48 -11.71
N ARG B 95 1.94 13.39 -11.78
CA ARG B 95 1.75 14.77 -11.35
C ARG B 95 0.75 15.49 -12.27
N ALA B 96 0.79 15.14 -13.56
CA ALA B 96 -0.10 15.72 -14.57
C ALA B 96 -1.55 15.30 -14.31
N ARG B 97 -1.76 14.00 -14.08
CA ARG B 97 -3.09 13.43 -13.83
C ARG B 97 -3.66 13.99 -12.52
N ARG B 98 -2.81 14.10 -11.50
CA ARG B 98 -3.19 14.63 -10.17
C ARG B 98 -3.75 16.05 -10.32
N LEU B 99 -3.07 16.88 -11.10
CA LEU B 99 -3.42 18.30 -11.26
C LEU B 99 -4.74 18.44 -12.03
N LEU B 100 -5.01 17.48 -12.94
CA LEU B 100 -6.24 17.47 -13.73
C LEU B 100 -7.42 16.96 -12.89
N ASP B 101 -7.11 16.28 -11.76
CA ASP B 101 -8.09 15.87 -10.76
C ASP B 101 -8.15 16.91 -9.63
N GLY B 102 -7.46 18.05 -9.82
CA GLY B 102 -7.61 19.25 -9.00
C GLY B 102 -6.65 19.31 -7.82
N GLN B 103 -5.63 18.45 -7.81
CA GLN B 103 -4.70 18.35 -6.68
C GLN B 103 -3.28 18.67 -7.14
N ALA B 104 -2.76 19.82 -6.69
CA ALA B 104 -1.37 20.20 -6.87
C ALA B 104 -0.50 19.36 -5.94
N SER B 105 0.74 19.10 -6.38
CA SER B 105 1.66 18.21 -5.67
C SER B 105 3.11 18.51 -6.06
N THR B 106 4.04 18.06 -5.22
CA THR B 106 5.47 18.15 -5.51
C THR B 106 6.20 16.99 -4.81
N THR B 107 7.48 16.85 -5.17
CA THR B 107 8.43 15.95 -4.51
C THR B 107 9.77 16.68 -4.40
N GLY B 108 10.72 16.07 -3.69
CA GLY B 108 12.10 16.57 -3.63
C GLY B 108 12.70 16.73 -5.00
N TYR B 109 12.37 15.80 -5.91
CA TYR B 109 12.87 15.80 -7.28
C TYR B 109 12.34 17.02 -8.04
N PHE B 110 11.01 17.21 -8.03
CA PHE B 110 10.36 18.28 -8.76
C PHE B 110 10.77 19.65 -8.21
N ASP B 111 11.08 19.70 -6.91
CA ASP B 111 11.53 20.93 -6.26
C ASP B 111 12.91 21.32 -6.78
N ASN B 112 13.75 20.30 -7.04
CA ASN B 112 15.09 20.49 -7.59
C ASN B 112 14.99 20.94 -9.05
N ILE B 113 14.16 20.24 -9.84
CA ILE B 113 13.93 20.55 -11.26
C ILE B 113 13.40 21.98 -11.42
N GLU B 114 12.44 22.35 -10.58
CA GLU B 114 11.80 23.68 -10.63
C GLU B 114 12.85 24.78 -10.40
N HIS B 115 13.84 24.51 -9.54
CA HIS B 115 14.95 25.42 -9.27
C HIS B 115 15.88 25.48 -10.50
N CYS B 116 16.13 24.34 -11.13
CA CYS B 116 16.99 24.26 -12.33
C CYS B 116 16.45 25.17 -13.44
N ILE B 117 15.12 25.20 -13.59
CA ILE B 117 14.42 25.92 -14.64
C ILE B 117 14.48 27.44 -14.39
N ASP B 118 14.58 27.83 -13.11
CA ASP B 118 14.54 29.25 -12.70
C ASP B 118 15.72 30.04 -13.30
N GLU B 119 16.85 29.37 -13.52
CA GLU B 119 18.05 29.99 -14.09
C GLU B 119 18.69 29.03 -15.10
N GLU B 120 18.47 29.30 -16.40
CA GLU B 120 18.99 28.47 -17.49
C GLU B 120 19.70 29.34 -18.53
N PHE B 121 18.94 30.25 -19.16
CA PHE B 121 19.49 31.17 -20.16
C PHE B 121 20.06 32.41 -19.47
N GLY B 122 19.25 33.02 -18.59
CA GLY B 122 19.62 34.21 -17.83
C GLY B 122 18.42 35.12 -17.62
N GLN B 123 18.44 35.88 -16.52
CA GLN B 123 17.36 36.79 -16.16
C GLN B 123 17.30 37.94 -17.17
N CYS B 124 16.20 38.00 -17.93
CA CYS B 124 15.98 38.99 -18.97
C CYS B 124 16.93 38.73 -20.16
N SER B 125 16.87 37.50 -20.68
CA SER B 125 17.60 37.09 -21.88
C SER B 125 16.63 36.73 -23.01
N ILE B 126 15.31 36.80 -22.73
CA ILE B 126 14.25 36.46 -23.67
C ILE B 126 13.16 37.54 -23.56
N THR B 127 12.97 38.30 -24.66
CA THR B 127 11.95 39.35 -24.76
C THR B 127 10.62 38.73 -25.18
N SER B 128 9.57 39.56 -25.23
CA SER B 128 8.21 39.13 -25.60
C SER B 128 8.13 38.73 -27.07
N ASN B 129 9.04 39.27 -27.90
CA ASN B 129 9.02 39.05 -29.36
C ASN B 129 9.96 37.89 -29.75
N ASP B 130 10.63 37.28 -28.76
CA ASP B 130 11.48 36.09 -28.97
C ASP B 130 10.59 34.84 -29.02
N LYS B 131 11.20 33.70 -29.41
CA LYS B 131 10.49 32.43 -29.59
C LYS B 131 11.37 31.29 -29.09
N LEU B 132 10.82 30.48 -28.16
CA LEU B 132 11.52 29.38 -27.49
C LEU B 132 10.95 28.03 -27.99
N LEU B 133 11.84 27.06 -28.22
CA LEU B 133 11.45 25.68 -28.51
C LEU B 133 12.08 24.75 -27.46
N LEU B 134 11.23 23.94 -26.81
CA LEU B 134 11.65 22.95 -25.84
C LEU B 134 11.52 21.55 -26.46
N VAL B 135 12.66 20.86 -26.62
CA VAL B 135 12.68 19.50 -27.15
C VAL B 135 12.48 18.53 -25.97
N GLY B 136 11.41 17.73 -26.04
CA GLY B 136 11.05 16.78 -24.97
C GLY B 136 10.37 17.48 -23.81
N SER B 137 9.18 18.02 -24.08
CA SER B 137 8.45 18.89 -23.16
C SER B 137 7.94 18.11 -21.94
N GLY B 138 7.52 16.86 -22.16
CA GLY B 138 7.00 15.99 -21.11
C GLY B 138 5.55 16.28 -20.79
N ALA B 139 4.96 15.44 -19.92
CA ALA B 139 3.54 15.51 -19.57
C ALA B 139 3.27 16.74 -18.67
N TYR B 140 4.30 17.18 -17.93
CA TYR B 140 4.21 18.34 -17.04
C TYR B 140 5.22 19.40 -17.49
N PRO B 141 4.94 20.14 -18.58
CA PRO B 141 5.91 21.09 -19.14
C PRO B 141 6.05 22.38 -18.32
N MET B 142 6.92 22.34 -17.31
CA MET B 142 7.15 23.45 -16.38
C MET B 142 7.80 24.63 -17.10
N THR B 143 8.73 24.34 -18.01
CA THR B 143 9.54 25.35 -18.70
C THR B 143 8.67 26.18 -19.65
N LEU B 144 7.85 25.50 -20.45
CA LEU B 144 6.98 26.16 -21.44
C LEU B 144 6.10 27.22 -20.75
N ILE B 145 5.54 26.83 -19.59
CA ILE B 145 4.59 27.68 -18.84
C ILE B 145 5.35 28.86 -18.23
N GLN B 146 6.47 28.57 -17.54
CA GLN B 146 7.24 29.60 -16.82
C GLN B 146 7.76 30.64 -17.82
N VAL B 147 8.44 30.17 -18.87
CA VAL B 147 9.08 31.05 -19.85
C VAL B 147 8.02 31.95 -20.49
N ALA B 148 6.90 31.34 -20.90
CA ALA B 148 5.78 32.06 -21.55
C ALA B 148 5.20 33.12 -20.60
N LYS B 149 5.05 32.76 -19.32
CA LYS B 149 4.39 33.61 -18.33
C LYS B 149 5.29 34.80 -17.95
N GLU B 150 6.58 34.53 -17.73
CA GLU B 150 7.53 35.52 -17.22
C GLU B 150 7.99 36.46 -18.35
N THR B 151 8.35 35.87 -19.50
CA THR B 151 8.92 36.63 -20.63
C THR B 151 7.80 37.22 -21.50
N GLY B 152 6.74 36.44 -21.72
CA GLY B 152 5.67 36.77 -22.65
C GLY B 152 5.95 36.29 -24.07
N ALA B 153 7.02 35.49 -24.20
CA ALA B 153 7.47 34.97 -25.48
C ALA B 153 6.60 33.80 -25.90
N SER B 154 6.48 33.59 -27.22
CA SER B 154 5.84 32.41 -27.78
C SER B 154 6.75 31.20 -27.55
N VAL B 155 6.16 30.03 -27.29
CA VAL B 155 6.91 28.83 -26.95
C VAL B 155 6.30 27.63 -27.69
N ILE B 156 7.18 26.69 -28.08
CA ILE B 156 6.79 25.45 -28.74
C ILE B 156 7.42 24.28 -27.96
N GLY B 157 6.65 23.20 -27.82
CA GLY B 157 7.11 21.95 -27.23
C GLY B 157 6.91 20.79 -28.19
N ILE B 158 7.86 19.86 -28.21
CA ILE B 158 7.77 18.64 -29.02
C ILE B 158 8.09 17.44 -28.12
N ASP B 159 7.39 16.32 -28.39
CA ASP B 159 7.54 15.09 -27.61
C ASP B 159 7.07 13.90 -28.46
N ILE B 160 7.92 12.88 -28.55
CA ILE B 160 7.67 11.68 -29.37
C ILE B 160 6.60 10.81 -28.70
N ASP B 161 6.46 10.93 -27.37
CA ASP B 161 5.41 10.25 -26.60
C ASP B 161 4.10 10.98 -26.80
N PRO B 162 3.06 10.35 -27.40
CA PRO B 162 1.76 11.01 -27.59
C PRO B 162 1.00 11.26 -26.27
N GLN B 163 1.27 10.43 -25.25
CA GLN B 163 0.71 10.60 -23.92
C GLN B 163 1.18 11.94 -23.34
N ALA B 164 2.47 12.24 -23.53
CA ALA B 164 3.10 13.48 -23.03
C ALA B 164 2.50 14.70 -23.74
N VAL B 165 2.22 14.55 -25.04
CA VAL B 165 1.59 15.60 -25.84
C VAL B 165 0.17 15.85 -25.30
N ASP B 166 -0.57 14.76 -25.08
CA ASP B 166 -1.97 14.83 -24.63
C ASP B 166 -2.04 15.56 -23.28
N LEU B 167 -1.40 15.00 -22.25
CA LEU B 167 -1.42 15.54 -20.90
C LEU B 167 -0.79 16.94 -20.87
N GLY B 168 0.30 17.10 -21.63
CA GLY B 168 1.04 18.37 -21.74
C GLY B 168 0.15 19.53 -22.17
N ARG B 169 -0.72 19.29 -23.15
CA ARG B 169 -1.66 20.30 -23.65
C ARG B 169 -2.67 20.66 -22.56
N ARG B 170 -3.15 19.64 -21.85
CA ARG B 170 -4.18 19.81 -20.81
C ARG B 170 -3.59 20.61 -19.63
N ILE B 171 -2.38 20.25 -19.20
CA ILE B 171 -1.71 20.90 -18.06
C ILE B 171 -1.46 22.37 -18.40
N VAL B 172 -0.99 22.64 -19.62
CA VAL B 172 -0.74 24.00 -20.12
C VAL B 172 -2.04 24.81 -20.07
N ASN B 173 -3.16 24.18 -20.46
CA ASN B 173 -4.46 24.85 -20.54
C ASN B 173 -4.91 25.29 -19.14
N VAL B 174 -4.57 24.51 -18.11
CA VAL B 174 -4.94 24.79 -16.73
C VAL B 174 -4.15 26.00 -16.23
N LEU B 175 -2.83 25.96 -16.39
CA LEU B 175 -1.90 26.89 -15.72
C LEU B 175 -1.62 28.13 -16.57
N ALA B 176 -1.72 28.01 -17.90
CA ALA B 176 -1.46 29.11 -18.81
C ALA B 176 -2.34 28.97 -20.06
N PRO B 177 -3.66 29.21 -19.95
CA PRO B 177 -4.57 29.08 -21.09
C PRO B 177 -4.35 30.17 -22.15
N ASN B 178 -4.06 31.39 -21.71
CA ASN B 178 -4.01 32.57 -22.55
C ASN B 178 -2.55 32.97 -22.80
N GLU B 179 -1.73 31.99 -23.18
CA GLU B 179 -0.34 32.19 -23.59
C GLU B 179 -0.10 31.42 -24.90
N ASP B 180 0.86 31.90 -25.69
CA ASP B 180 1.18 31.30 -26.99
C ASP B 180 2.07 30.08 -26.76
N ILE B 181 1.43 28.98 -26.35
CA ILE B 181 2.08 27.70 -26.05
C ILE B 181 1.51 26.64 -27.00
N THR B 182 2.40 25.97 -27.74
CA THR B 182 2.05 24.89 -28.66
C THR B 182 2.80 23.62 -28.26
N ILE B 183 2.11 22.47 -28.30
CA ILE B 183 2.71 21.17 -28.01
C ILE B 183 2.29 20.20 -29.12
N THR B 184 3.29 19.61 -29.78
CA THR B 184 3.10 18.74 -30.94
C THR B 184 4.00 17.51 -30.80
N ASP B 185 3.90 16.59 -31.76
CA ASP B 185 4.72 15.36 -31.81
C ASP B 185 5.62 15.40 -33.05
N GLN B 186 5.75 16.57 -33.67
CA GLN B 186 6.55 16.78 -34.88
C GLN B 186 8.04 16.73 -34.52
N LYS B 187 8.86 16.29 -35.49
CA LYS B 187 10.30 16.44 -35.44
C LYS B 187 10.64 17.90 -35.74
N VAL B 188 11.88 18.31 -35.41
CA VAL B 188 12.31 19.71 -35.51
C VAL B 188 12.18 20.20 -36.96
N SER B 189 12.47 19.33 -37.93
CA SER B 189 12.43 19.67 -39.36
C SER B 189 10.99 19.89 -39.84
N GLU B 190 10.03 19.21 -39.19
CA GLU B 190 8.62 19.25 -39.56
C GLU B 190 7.92 20.48 -38.97
N LEU B 191 8.54 21.13 -37.97
CA LEU B 191 8.01 22.36 -37.37
C LEU B 191 7.97 23.47 -38.42
N LYS B 192 6.85 24.19 -38.47
CA LYS B 192 6.60 25.25 -39.45
C LYS B 192 7.57 26.42 -39.21
N ASP B 193 7.64 26.88 -37.95
CA ASP B 193 8.44 28.02 -37.56
C ASP B 193 9.67 27.55 -36.77
N ILE B 194 10.77 27.28 -37.49
CA ILE B 194 12.06 26.91 -36.88
C ILE B 194 13.10 28.00 -37.16
N LYS B 195 12.96 28.71 -38.28
CA LYS B 195 13.83 29.83 -38.65
C LYS B 195 13.47 31.06 -37.81
N ASP B 196 12.24 31.08 -37.28
CA ASP B 196 11.76 32.17 -36.42
C ASP B 196 12.31 32.01 -34.99
N VAL B 197 12.64 30.77 -34.62
CA VAL B 197 13.03 30.41 -33.25
C VAL B 197 14.36 31.08 -32.90
N THR B 198 14.45 31.59 -31.66
CA THR B 198 15.60 32.36 -31.17
C THR B 198 16.36 31.54 -30.11
N HIS B 199 15.63 30.83 -29.26
CA HIS B 199 16.17 30.04 -28.17
C HIS B 199 15.65 28.61 -28.26
N ILE B 200 16.53 27.63 -27.99
CA ILE B 200 16.18 26.20 -27.97
C ILE B 200 16.72 25.59 -26.68
N ILE B 201 15.90 24.75 -26.03
CA ILE B 201 16.29 23.98 -24.85
C ILE B 201 16.04 22.49 -25.12
N PHE B 202 17.07 21.68 -24.87
CA PHE B 202 16.99 20.22 -24.93
C PHE B 202 16.85 19.68 -23.50
N SER B 203 15.84 18.84 -23.27
CA SER B 203 15.74 18.06 -22.04
C SER B 203 16.94 17.10 -21.95
N SER B 204 17.33 16.79 -20.72
CA SER B 204 18.55 16.02 -20.44
C SER B 204 18.39 14.57 -20.90
N THR B 205 17.25 13.96 -20.57
CA THR B 205 17.02 12.54 -20.81
C THR B 205 16.42 12.34 -22.22
N ILE B 206 17.20 12.69 -23.25
CA ILE B 206 16.87 12.44 -24.65
C ILE B 206 18.09 11.78 -25.31
N PRO B 207 18.02 10.48 -25.63
CA PRO B 207 19.15 9.75 -26.23
C PRO B 207 19.81 10.44 -27.43
N LEU B 208 19.01 10.88 -28.41
CA LEU B 208 19.50 11.45 -29.66
C LEU B 208 19.30 12.97 -29.65
N LYS B 209 19.82 13.63 -28.62
CA LYS B 209 19.67 15.08 -28.42
C LYS B 209 20.79 15.84 -29.16
N TYR B 210 21.98 15.23 -29.25
CA TYR B 210 23.11 15.81 -29.99
C TYR B 210 22.95 15.53 -31.49
N SER B 211 22.24 14.45 -31.83
CA SER B 211 21.87 14.15 -33.22
C SER B 211 21.00 15.28 -33.78
N ILE B 212 19.98 15.66 -33.01
CA ILE B 212 19.01 16.68 -33.42
C ILE B 212 19.68 18.06 -33.40
N LEU B 213 20.65 18.26 -32.50
CA LEU B 213 21.42 19.51 -32.43
C LEU B 213 22.09 19.76 -33.79
N GLU B 214 22.78 18.74 -34.31
CA GLU B 214 23.48 18.80 -35.59
C GLU B 214 22.49 19.08 -36.73
N GLU B 215 21.30 18.50 -36.64
CA GLU B 215 20.22 18.66 -37.62
C GLU B 215 19.73 20.11 -37.65
N LEU B 216 19.71 20.75 -36.47
CA LEU B 216 19.08 22.06 -36.28
C LEU B 216 19.92 23.20 -36.90
N TYR B 217 21.18 22.93 -37.25
CA TYR B 217 22.09 23.96 -37.78
C TYR B 217 21.51 24.58 -39.05
N ASP B 218 21.11 23.73 -40.01
CA ASP B 218 20.60 24.17 -41.32
C ASP B 218 19.16 24.68 -41.20
N LEU B 219 18.44 24.19 -40.19
CA LEU B 219 17.02 24.52 -39.99
C LEU B 219 16.87 25.92 -39.38
N THR B 220 17.74 26.23 -38.41
CA THR B 220 17.63 27.44 -37.59
C THR B 220 18.35 28.62 -38.25
N ASN B 221 18.07 29.83 -37.75
CA ASN B 221 18.70 31.07 -38.21
C ASN B 221 20.12 31.16 -37.63
N GLU B 222 20.83 32.23 -37.99
CA GLU B 222 22.26 32.41 -37.67
C GLU B 222 22.45 32.70 -36.17
N ASN B 223 21.48 33.39 -35.55
CA ASN B 223 21.66 33.98 -34.21
C ASN B 223 21.02 33.12 -33.12
N VAL B 224 20.58 31.90 -33.47
CA VAL B 224 19.90 31.01 -32.52
C VAL B 224 20.90 30.61 -31.41
N VAL B 225 20.38 30.43 -30.19
CA VAL B 225 21.15 29.98 -29.03
C VAL B 225 20.50 28.69 -28.51
N VAL B 226 21.33 27.70 -28.14
CA VAL B 226 20.86 26.40 -27.69
C VAL B 226 21.41 26.11 -26.28
N ALA B 227 20.50 25.79 -25.35
CA ALA B 227 20.83 25.32 -24.01
C ALA B 227 20.61 23.80 -23.94
N MET B 228 21.69 23.05 -23.81
CA MET B 228 21.67 21.59 -23.71
C MET B 228 21.75 21.18 -22.24
N ARG B 229 20.65 20.63 -21.72
CA ARG B 229 20.65 20.02 -20.38
C ARG B 229 21.41 18.70 -20.45
N PHE B 230 22.26 18.44 -19.46
CA PHE B 230 23.12 17.26 -19.44
C PHE B 230 23.56 16.95 -18.00
N GLY B 231 24.21 15.78 -17.85
CA GLY B 231 24.84 15.38 -16.61
C GLY B 231 26.06 14.52 -16.87
N ASP B 232 27.23 15.03 -16.49
CA ASP B 232 28.51 14.32 -16.61
C ASP B 232 28.88 13.71 -15.25
N GLY B 233 29.74 12.69 -15.28
CA GLY B 233 30.17 11.99 -14.08
C GLY B 233 29.04 11.22 -13.43
N ILE B 234 28.82 11.49 -12.14
CA ILE B 234 27.81 10.78 -11.34
C ILE B 234 26.40 11.24 -11.74
N LYS B 235 26.29 12.40 -12.40
CA LYS B 235 25.00 12.92 -12.85
C LYS B 235 24.52 12.16 -14.10
N ALA B 236 25.45 11.43 -14.76
CA ALA B 236 25.17 10.70 -16.00
C ALA B 236 24.29 9.46 -15.75
N ILE B 237 24.13 9.04 -14.49
CA ILE B 237 23.26 7.92 -14.14
C ILE B 237 21.80 8.40 -14.03
N PHE B 238 21.58 9.71 -14.05
CA PHE B 238 20.24 10.30 -14.01
C PHE B 238 20.09 11.35 -15.12
N ASN B 239 20.96 11.29 -16.13
CA ASN B 239 21.04 12.24 -17.24
C ASN B 239 21.77 11.56 -18.41
N TYR B 240 21.63 12.14 -19.62
CA TYR B 240 22.51 11.80 -20.74
C TYR B 240 23.62 12.84 -20.82
N PRO B 241 24.90 12.42 -20.97
CA PRO B 241 26.03 13.34 -20.80
C PRO B 241 26.26 14.28 -21.99
N SER B 242 27.20 15.21 -21.82
CA SER B 242 27.61 16.13 -22.87
C SER B 242 28.45 15.38 -23.91
N GLN B 243 28.63 16.00 -25.07
CA GLN B 243 29.37 15.43 -26.19
C GLN B 243 30.14 16.55 -26.91
N GLU B 244 31.23 16.17 -27.59
CA GLU B 244 31.93 17.07 -28.49
C GLU B 244 31.10 17.19 -29.78
N THR B 245 30.94 18.43 -30.25
CA THR B 245 30.20 18.73 -31.48
C THR B 245 31.20 19.05 -32.60
N ALA B 246 30.69 19.15 -33.82
CA ALA B 246 31.49 19.54 -34.98
C ALA B 246 31.95 21.00 -34.81
N GLU B 247 33.26 21.19 -34.73
CA GLU B 247 33.89 22.48 -34.40
C GLU B 247 33.50 23.53 -35.45
N ASP B 248 33.37 23.11 -36.70
CA ASP B 248 33.01 23.99 -37.83
C ASP B 248 31.60 24.56 -37.64
N LYS B 249 30.69 23.76 -37.07
CA LYS B 249 29.29 24.14 -36.89
C LYS B 249 29.09 24.77 -35.50
N TRP B 250 28.74 23.95 -34.50
CA TRP B 250 28.32 24.42 -33.18
C TRP B 250 29.54 24.69 -32.29
N GLN B 251 29.42 25.73 -31.46
CA GLN B 251 30.47 26.15 -30.54
C GLN B 251 29.88 26.31 -29.13
N CYS B 252 30.39 25.53 -28.18
CA CYS B 252 30.03 25.64 -26.77
C CYS B 252 30.73 26.86 -26.15
N VAL B 253 29.93 27.83 -25.72
CA VAL B 253 30.43 29.13 -25.24
C VAL B 253 30.41 29.16 -23.70
N ASN B 254 29.39 28.56 -23.09
CA ASN B 254 29.26 28.47 -21.64
C ASN B 254 28.86 27.03 -21.26
N LYS B 255 29.26 26.63 -20.05
CA LYS B 255 29.01 25.29 -19.52
C LYS B 255 28.91 25.40 -18.00
N HIS B 256 27.67 25.57 -17.51
CA HIS B 256 27.39 25.81 -16.09
C HIS B 256 27.26 24.48 -15.34
N MET B 257 28.19 24.24 -14.42
CA MET B 257 28.19 23.05 -13.56
C MET B 257 27.69 23.46 -12.17
N ARG B 258 26.42 23.17 -11.89
CA ARG B 258 25.77 23.51 -10.62
C ARG B 258 25.67 22.24 -9.76
N PRO B 259 26.41 22.15 -8.64
CA PRO B 259 26.48 20.92 -7.84
C PRO B 259 25.24 20.65 -6.96
N GLN B 260 24.30 21.59 -6.95
CA GLN B 260 23.05 21.49 -6.16
C GLN B 260 21.88 21.05 -7.06
N GLN B 261 22.09 21.09 -8.39
CA GLN B 261 21.06 20.79 -9.38
C GLN B 261 21.27 19.38 -9.95
N ILE B 262 20.18 18.77 -10.42
CA ILE B 262 20.18 17.41 -10.96
C ILE B 262 20.87 17.41 -12.33
N PHE B 263 20.61 18.43 -13.15
CA PHE B 263 21.25 18.56 -14.46
C PHE B 263 22.01 19.89 -14.56
N ASP B 264 22.92 19.93 -15.54
CA ASP B 264 23.76 21.08 -15.83
C ASP B 264 23.39 21.60 -17.24
N ILE B 265 23.73 22.86 -17.51
CA ILE B 265 23.39 23.53 -18.76
C ILE B 265 24.67 23.78 -19.57
N ALA B 266 24.58 23.57 -20.89
CA ALA B 266 25.68 23.85 -21.82
C ALA B 266 25.14 24.70 -22.97
N LEU B 267 25.58 25.96 -23.05
CA LEU B 267 25.11 26.91 -24.06
C LEU B 267 25.95 26.76 -25.33
N TYR B 268 25.26 26.64 -26.48
CA TYR B 268 25.87 26.51 -27.79
C TYR B 268 25.43 27.67 -28.67
N LYS B 269 26.39 28.20 -29.46
CA LYS B 269 26.13 29.20 -30.50
C LYS B 269 26.88 28.78 -31.77
N LYS B 270 26.56 29.48 -32.88
CA LYS B 270 27.19 29.25 -34.17
C LYS B 270 28.43 30.16 -34.30
N ALA B 271 29.44 29.66 -35.00
CA ALA B 271 30.61 30.44 -35.42
C ALA B 271 30.27 31.19 -36.72
N ALA B 272 31.31 31.71 -37.40
CA ALA B 272 31.15 32.36 -38.71
C ALA B 272 32.39 32.06 -39.57
N SER C 12 -16.53 13.02 49.40
CA SER C 12 -15.85 11.94 48.61
C SER C 12 -16.85 11.30 47.63
N GLY C 13 -16.56 11.43 46.33
CA GLY C 13 -17.39 10.87 45.26
C GLY C 13 -16.79 9.61 44.67
N ASN C 14 -16.57 8.62 45.53
CA ASN C 14 -15.95 7.33 45.16
C ASN C 14 -16.93 6.19 45.45
N GLU C 15 -18.12 6.30 44.87
CA GLU C 15 -19.15 5.26 44.92
C GLU C 15 -18.94 4.27 43.76
N ILE C 16 -18.13 4.67 42.77
CA ILE C 16 -17.83 3.85 41.59
C ILE C 16 -17.05 2.60 42.02
N LYS C 17 -16.13 2.77 42.97
CA LYS C 17 -15.32 1.68 43.52
C LYS C 17 -16.22 0.56 44.03
N LEU C 18 -17.32 0.93 44.69
CA LEU C 18 -18.29 -0.01 45.25
C LEU C 18 -19.03 -0.74 44.11
N ILE C 19 -19.35 0.01 43.04
CA ILE C 19 -20.09 -0.52 41.89
C ILE C 19 -19.19 -1.49 41.11
N LEU C 20 -17.93 -1.11 40.87
CA LEU C 20 -16.98 -1.92 40.10
C LEU C 20 -16.69 -3.22 40.84
N GLN C 21 -16.50 -3.14 42.16
CA GLN C 21 -16.25 -4.30 43.01
C GLN C 21 -17.49 -5.22 42.99
N GLN C 22 -18.68 -4.62 43.00
CA GLN C 22 -19.94 -5.37 42.96
C GLN C 22 -20.05 -6.13 41.62
N TYR C 23 -19.67 -5.48 40.52
CA TYR C 23 -19.68 -6.11 39.20
C TYR C 23 -18.69 -7.28 39.17
N LEU C 24 -17.51 -7.09 39.78
CA LEU C 24 -16.47 -8.12 39.85
C LEU C 24 -16.99 -9.33 40.63
N GLU C 25 -17.72 -9.09 41.72
CA GLU C 25 -18.35 -10.15 42.51
C GLU C 25 -19.32 -10.94 41.62
N LYS C 26 -20.22 -10.19 40.94
CA LYS C 26 -21.27 -10.77 40.10
C LYS C 26 -20.66 -11.57 38.94
N PHE C 27 -19.69 -10.96 38.24
CA PHE C 27 -19.07 -11.58 37.06
C PHE C 27 -18.34 -12.88 37.47
N GLU C 28 -17.60 -12.82 38.59
CA GLU C 28 -16.85 -13.97 39.12
C GLU C 28 -17.84 -15.11 39.42
N ALA C 29 -18.95 -14.77 40.09
CA ALA C 29 -19.98 -15.73 40.48
C ALA C 29 -20.68 -16.30 39.23
N HIS C 30 -21.20 -15.40 38.39
CA HIS C 30 -22.01 -15.74 37.22
C HIS C 30 -21.24 -16.70 36.28
N TYR C 31 -19.93 -16.49 36.15
CA TYR C 31 -19.09 -17.30 35.28
C TYR C 31 -19.02 -18.74 35.79
N GLU C 32 -18.92 -18.91 37.12
CA GLU C 32 -18.84 -20.22 37.75
C GLU C 32 -20.14 -21.01 37.48
N ARG C 33 -21.28 -20.31 37.52
CA ARG C 33 -22.60 -20.92 37.40
C ARG C 33 -22.82 -21.49 35.99
N VAL C 34 -22.51 -20.69 34.96
CA VAL C 34 -22.80 -21.04 33.56
C VAL C 34 -21.99 -22.27 33.15
N LEU C 35 -20.82 -22.48 33.79
CA LEU C 35 -19.99 -23.67 33.59
C LEU C 35 -20.72 -24.91 34.12
N GLN C 36 -21.38 -24.77 35.28
CA GLN C 36 -22.04 -25.89 35.97
C GLN C 36 -23.37 -26.22 35.30
N ASP C 37 -24.25 -25.22 35.18
CA ASP C 37 -25.64 -25.39 34.73
C ASP C 37 -25.97 -24.34 33.65
N ASP C 38 -26.84 -24.72 32.71
CA ASP C 38 -27.21 -23.90 31.55
C ASP C 38 -28.35 -22.93 31.91
N GLN C 39 -28.98 -23.14 33.08
CA GLN C 39 -30.13 -22.35 33.52
C GLN C 39 -29.70 -20.92 33.95
N TYR C 40 -28.40 -20.72 34.14
CA TYR C 40 -27.84 -19.44 34.60
C TYR C 40 -27.27 -18.62 33.42
N ILE C 41 -27.48 -19.09 32.19
CA ILE C 41 -27.03 -18.39 30.98
C ILE C 41 -27.72 -17.01 30.89
N GLU C 42 -29.03 -16.99 31.11
CA GLU C 42 -29.85 -15.79 30.99
C GLU C 42 -29.38 -14.71 31.98
N ALA C 43 -28.96 -15.15 33.17
CA ALA C 43 -28.46 -14.25 34.22
C ALA C 43 -27.20 -13.53 33.73
N LEU C 44 -26.27 -14.28 33.13
CA LEU C 44 -25.02 -13.75 32.62
C LEU C 44 -25.29 -12.74 31.49
N GLU C 45 -26.19 -13.11 30.57
CA GLU C 45 -26.57 -12.26 29.45
C GLU C 45 -27.13 -10.93 29.97
N THR C 46 -27.98 -11.00 31.00
CA THR C 46 -28.59 -9.82 31.61
C THR C 46 -27.51 -8.94 32.25
N LEU C 47 -26.52 -9.55 32.89
CA LEU C 47 -25.43 -8.84 33.55
C LEU C 47 -24.56 -8.11 32.51
N MET C 48 -24.21 -8.80 31.43
CA MET C 48 -23.33 -8.26 30.37
C MET C 48 -24.01 -7.07 29.67
N ASP C 49 -25.33 -7.19 29.44
CA ASP C 49 -26.14 -6.12 28.86
C ASP C 49 -26.14 -4.90 29.80
N ASP C 50 -26.26 -5.18 31.11
CA ASP C 50 -26.24 -4.16 32.16
C ASP C 50 -24.88 -3.46 32.15
N TYR C 51 -23.81 -4.28 32.12
CA TYR C 51 -22.42 -3.83 32.16
C TYR C 51 -22.08 -3.03 30.90
N SER C 52 -22.61 -3.47 29.75
CA SER C 52 -22.41 -2.81 28.47
C SER C 52 -22.98 -1.39 28.49
N GLU C 53 -24.17 -1.24 29.07
CA GLU C 53 -24.85 0.07 29.19
C GLU C 53 -24.12 0.96 30.19
N PHE C 54 -23.50 0.34 31.21
CA PHE C 54 -22.82 1.05 32.31
C PHE C 54 -21.60 1.83 31.80
N ILE C 55 -20.84 1.23 30.88
CA ILE C 55 -19.59 1.83 30.37
C ILE C 55 -19.92 2.96 29.39
N LEU C 56 -21.11 2.93 28.77
CA LEU C 56 -21.54 3.95 27.81
C LEU C 56 -22.31 5.07 28.53
N ASN C 57 -22.62 4.86 29.82
CA ASN C 57 -23.36 5.82 30.64
C ASN C 57 -22.47 7.02 30.94
N PRO C 58 -22.80 8.23 30.45
CA PRO C 58 -21.90 9.38 30.55
C PRO C 58 -21.53 9.80 31.98
N ILE C 59 -22.50 9.76 32.90
CA ILE C 59 -22.30 10.24 34.27
C ILE C 59 -21.35 9.29 35.02
N TYR C 60 -21.42 7.99 34.73
CA TYR C 60 -20.52 7.00 35.35
C TYR C 60 -19.12 7.11 34.75
N GLU C 61 -19.04 7.51 33.47
CA GLU C 61 -17.77 7.80 32.79
C GLU C 61 -17.08 8.99 33.46
N GLN C 62 -17.88 10.00 33.83
CA GLN C 62 -17.40 11.22 34.48
C GLN C 62 -16.81 10.86 35.85
N GLN C 63 -17.55 10.09 36.64
CA GLN C 63 -17.17 9.69 38.00
C GLN C 63 -15.93 8.80 37.96
N PHE C 64 -15.87 7.89 36.98
CA PHE C 64 -14.74 6.97 36.81
C PHE C 64 -13.45 7.75 36.62
N ASN C 65 -13.47 8.73 35.71
CA ASN C 65 -12.32 9.57 35.38
C ASN C 65 -12.01 10.48 36.57
N ALA C 66 -13.05 10.94 37.28
CA ALA C 66 -12.91 11.80 38.46
C ALA C 66 -12.11 11.08 39.55
N TRP C 67 -12.37 9.78 39.73
CA TRP C 67 -11.64 8.94 40.68
C TRP C 67 -10.28 8.54 40.10
N ARG C 68 -9.22 9.20 40.57
CA ARG C 68 -7.85 8.99 40.10
C ARG C 68 -7.06 8.24 41.18
N ASP C 69 -6.52 7.07 40.82
CA ASP C 69 -5.72 6.23 41.72
C ASP C 69 -4.85 5.30 40.87
N VAL C 70 -3.67 4.94 41.40
CA VAL C 70 -2.64 4.19 40.68
C VAL C 70 -2.83 2.69 40.95
N GLU C 71 -2.53 2.27 42.19
CA GLU C 71 -2.30 0.86 42.52
C GLU C 71 -3.62 0.07 42.61
N GLU C 72 -4.61 0.63 43.32
CA GLU C 72 -5.85 -0.08 43.65
C GLU C 72 -6.75 -0.17 42.41
N LYS C 73 -6.88 0.96 41.71
CA LYS C 73 -7.74 1.07 40.53
C LYS C 73 -7.25 0.12 39.43
N ALA C 74 -5.94 0.17 39.13
CA ALA C 74 -5.32 -0.62 38.06
C ALA C 74 -5.57 -2.12 38.27
N GLN C 75 -5.40 -2.58 39.51
CA GLN C 75 -5.52 -4.00 39.87
C GLN C 75 -6.98 -4.44 39.69
N LEU C 76 -7.91 -3.60 40.13
CA LEU C 76 -9.35 -3.85 40.02
C LEU C 76 -9.72 -4.00 38.54
N ILE C 77 -9.25 -3.05 37.72
CA ILE C 77 -9.45 -3.05 36.27
C ILE C 77 -8.86 -4.35 35.69
N LYS C 78 -7.64 -4.68 36.11
CA LYS C 78 -6.90 -5.86 35.62
C LYS C 78 -7.69 -7.14 35.92
N SER C 79 -8.31 -7.20 37.12
CA SER C 79 -9.13 -8.33 37.53
C SER C 79 -10.46 -8.36 36.76
N LEU C 80 -10.98 -7.16 36.47
CA LEU C 80 -12.28 -6.99 35.81
C LEU C 80 -12.16 -7.32 34.31
N GLN C 81 -11.03 -6.93 33.71
CA GLN C 81 -10.70 -7.26 32.33
C GLN C 81 -10.66 -8.79 32.14
N TYR C 82 -10.07 -9.48 33.13
CA TYR C 82 -9.82 -10.92 33.03
C TYR C 82 -11.15 -11.69 32.97
N ILE C 83 -12.01 -11.47 33.96
CA ILE C 83 -13.25 -12.25 34.12
C ILE C 83 -14.21 -11.96 32.94
N THR C 84 -14.26 -10.70 32.50
CA THR C 84 -15.16 -10.29 31.40
C THR C 84 -14.70 -10.93 30.09
N ALA C 85 -13.39 -11.12 29.93
CA ALA C 85 -12.80 -11.82 28.79
C ALA C 85 -13.40 -13.23 28.68
N GLN C 86 -13.45 -13.93 29.81
CA GLN C 86 -13.92 -15.32 29.87
C GLN C 86 -15.44 -15.35 29.63
N CYS C 87 -16.14 -14.33 30.11
CA CYS C 87 -17.59 -14.22 29.96
C CYS C 87 -17.95 -13.98 28.48
N VAL C 88 -17.16 -13.14 27.81
CA VAL C 88 -17.30 -12.88 26.38
C VAL C 88 -16.95 -14.17 25.63
N LYS C 89 -15.89 -14.85 26.09
CA LYS C 89 -15.45 -16.13 25.53
C LYS C 89 -16.62 -17.13 25.49
N GLN C 90 -17.27 -17.29 26.65
CA GLN C 90 -18.26 -18.35 26.87
C GLN C 90 -19.59 -17.99 26.21
N VAL C 91 -19.94 -16.70 26.19
CA VAL C 91 -21.20 -16.23 25.62
C VAL C 91 -21.18 -16.44 24.10
N GLU C 92 -20.00 -16.33 23.48
CA GLU C 92 -19.81 -16.64 22.06
C GLU C 92 -19.98 -18.15 21.84
N VAL C 93 -19.40 -18.94 22.75
CA VAL C 93 -19.52 -20.40 22.75
C VAL C 93 -21.00 -20.77 22.82
N ILE C 94 -21.72 -20.15 23.76
CA ILE C 94 -23.15 -20.41 23.95
C ILE C 94 -23.90 -20.10 22.65
N ARG C 95 -23.67 -18.92 22.09
CA ARG C 95 -24.36 -18.47 20.87
C ARG C 95 -24.03 -19.42 19.72
N ALA C 96 -22.78 -19.90 19.67
CA ALA C 96 -22.34 -20.81 18.62
C ALA C 96 -23.10 -22.13 18.72
N ARG C 97 -23.14 -22.72 19.93
CA ARG C 97 -23.80 -24.00 20.20
C ARG C 97 -25.28 -23.92 19.83
N ARG C 98 -25.91 -22.76 20.08
CA ARG C 98 -27.33 -22.55 19.83
C ARG C 98 -27.62 -22.60 18.32
N LEU C 99 -26.79 -21.92 17.52
CA LEU C 99 -26.99 -21.85 16.06
C LEU C 99 -26.75 -23.23 15.43
N LEU C 100 -25.82 -24.01 16.01
CA LEU C 100 -25.50 -25.35 15.50
C LEU C 100 -26.64 -26.34 15.84
N ASP C 101 -27.51 -25.95 16.78
CA ASP C 101 -28.77 -26.66 17.07
C ASP C 101 -29.93 -25.97 16.34
N GLY C 102 -29.62 -25.04 15.43
CA GLY C 102 -30.59 -24.40 14.55
C GLY C 102 -31.41 -23.32 15.24
N GLN C 103 -30.75 -22.53 16.09
CA GLN C 103 -31.41 -21.48 16.87
C GLN C 103 -30.54 -20.22 16.87
N ALA C 104 -30.98 -19.22 16.09
CA ALA C 104 -30.38 -17.88 16.09
C ALA C 104 -30.76 -17.17 17.40
N SER C 105 -29.82 -16.37 17.91
CA SER C 105 -30.03 -15.61 19.16
C SER C 105 -29.14 -14.37 19.17
N THR C 106 -29.50 -13.42 20.04
CA THR C 106 -28.73 -12.19 20.23
C THR C 106 -28.94 -11.70 21.67
N THR C 107 -28.21 -10.62 22.00
CA THR C 107 -28.31 -9.91 23.26
C THR C 107 -28.07 -8.43 22.99
N GLY C 108 -28.27 -7.59 24.02
CA GLY C 108 -27.85 -6.19 23.97
C GLY C 108 -26.37 -6.08 23.65
N TYR C 109 -25.57 -6.98 24.24
CA TYR C 109 -24.13 -7.02 24.04
C TYR C 109 -23.80 -7.31 22.57
N PHE C 110 -24.32 -8.42 22.04
CA PHE C 110 -24.00 -8.87 20.67
C PHE C 110 -24.50 -7.84 19.64
N ASP C 111 -25.69 -7.28 19.88
CA ASP C 111 -26.29 -6.29 18.98
C ASP C 111 -25.39 -5.05 18.90
N ASN C 112 -24.76 -4.71 20.03
CA ASN C 112 -23.83 -3.58 20.12
C ASN C 112 -22.56 -3.90 19.31
N ILE C 113 -22.00 -5.10 19.52
CA ILE C 113 -20.79 -5.55 18.83
C ILE C 113 -21.04 -5.63 17.32
N GLU C 114 -22.23 -6.10 16.92
CA GLU C 114 -22.61 -6.22 15.51
C GLU C 114 -22.60 -4.85 14.82
N HIS C 115 -22.95 -3.79 15.56
CA HIS C 115 -22.93 -2.41 15.05
C HIS C 115 -21.49 -1.90 14.97
N CYS C 116 -20.63 -2.32 15.92
CA CYS C 116 -19.21 -1.93 15.96
C CYS C 116 -18.45 -2.52 14.75
N ILE C 117 -18.86 -3.72 14.32
CA ILE C 117 -18.23 -4.42 13.19
C ILE C 117 -18.56 -3.70 11.88
N ASP C 118 -19.72 -3.03 11.83
CA ASP C 118 -20.20 -2.35 10.63
C ASP C 118 -19.41 -1.05 10.37
N GLU C 119 -18.61 -0.60 11.34
CA GLU C 119 -17.91 0.68 11.26
C GLU C 119 -16.41 0.49 11.54
N GLU C 120 -15.77 -0.43 10.80
CA GLU C 120 -14.32 -0.67 10.88
C GLU C 120 -13.72 -0.44 9.49
N PHE C 121 -13.76 -1.47 8.63
CA PHE C 121 -13.65 -1.29 7.18
C PHE C 121 -14.41 -2.43 6.47
N GLY C 122 -14.94 -2.11 5.28
CA GLY C 122 -15.79 -3.02 4.52
C GLY C 122 -15.60 -2.86 3.01
N GLN C 123 -16.69 -2.52 2.32
CA GLN C 123 -16.78 -2.56 0.86
C GLN C 123 -15.81 -1.56 0.21
N CYS C 124 -15.69 -0.37 0.81
CA CYS C 124 -14.95 0.75 0.20
C CYS C 124 -13.44 0.60 0.42
N SER C 125 -13.05 0.04 1.56
CA SER C 125 -11.64 -0.07 1.98
C SER C 125 -11.03 -1.41 1.54
N ILE C 126 -11.82 -2.48 1.58
CA ILE C 126 -11.38 -3.83 1.22
C ILE C 126 -12.02 -4.25 -0.11
N THR C 127 -11.22 -4.87 -0.97
CA THR C 127 -11.64 -5.35 -2.29
C THR C 127 -11.62 -6.87 -2.31
N SER C 128 -12.03 -7.45 -3.45
CA SER C 128 -12.13 -8.90 -3.66
C SER C 128 -10.76 -9.57 -3.55
N ASN C 129 -9.70 -8.84 -3.96
CA ASN C 129 -8.36 -9.40 -4.10
C ASN C 129 -7.52 -9.09 -2.85
N ASP C 130 -8.13 -8.56 -1.80
CA ASP C 130 -7.46 -8.27 -0.53
C ASP C 130 -7.47 -9.53 0.34
N LYS C 131 -6.79 -9.47 1.48
CA LYS C 131 -6.69 -10.57 2.44
C LYS C 131 -6.69 -10.00 3.86
N LEU C 132 -7.65 -10.44 4.68
CA LEU C 132 -7.81 -9.94 6.05
C LEU C 132 -7.43 -11.01 7.06
N LEU C 133 -6.67 -10.61 8.09
CA LEU C 133 -6.30 -11.46 9.22
C LEU C 133 -6.96 -10.91 10.49
N LEU C 134 -7.82 -11.73 11.11
CA LEU C 134 -8.41 -11.42 12.41
C LEU C 134 -7.67 -12.21 13.49
N VAL C 135 -6.97 -11.49 14.37
CA VAL C 135 -6.30 -12.10 15.52
C VAL C 135 -7.33 -12.18 16.66
N GLY C 136 -7.68 -13.41 17.05
CA GLY C 136 -8.66 -13.69 18.09
C GLY C 136 -10.06 -13.77 17.50
N SER C 137 -10.29 -14.77 16.65
CA SER C 137 -11.52 -14.93 15.90
C SER C 137 -12.70 -15.12 16.85
N GLY C 138 -12.60 -16.12 17.73
CA GLY C 138 -13.65 -16.45 18.70
C GLY C 138 -14.53 -17.59 18.22
N ALA C 139 -15.39 -18.09 19.12
CA ALA C 139 -16.31 -19.19 18.86
C ALA C 139 -17.37 -18.77 17.82
N TYR C 140 -17.74 -17.48 17.84
CA TYR C 140 -18.73 -16.92 16.92
C TYR C 140 -18.09 -15.75 16.16
N PRO C 141 -17.26 -16.04 15.13
CA PRO C 141 -16.54 -14.99 14.40
C PRO C 141 -17.42 -14.22 13.42
N MET C 142 -18.10 -13.19 13.93
CA MET C 142 -19.00 -12.34 13.15
C MET C 142 -18.22 -11.57 12.07
N THR C 143 -16.99 -11.16 12.42
CA THR C 143 -16.17 -10.28 11.57
C THR C 143 -15.77 -11.01 10.28
N LEU C 144 -15.25 -12.24 10.42
CA LEU C 144 -14.77 -13.04 9.28
C LEU C 144 -15.91 -13.24 8.26
N ILE C 145 -17.12 -13.52 8.76
CA ILE C 145 -18.28 -13.82 7.92
C ILE C 145 -18.73 -12.55 7.19
N GLN C 146 -18.83 -11.43 7.92
CA GLN C 146 -19.32 -10.17 7.38
C GLN C 146 -18.37 -9.66 6.29
N VAL C 147 -17.07 -9.63 6.59
CA VAL C 147 -16.05 -9.12 5.67
C VAL C 147 -16.05 -9.96 4.39
N ALA C 148 -16.13 -11.29 4.53
CA ALA C 148 -16.08 -12.22 3.42
C ALA C 148 -17.26 -12.00 2.46
N LYS C 149 -18.47 -11.96 3.00
CA LYS C 149 -19.69 -11.91 2.21
C LYS C 149 -19.90 -10.52 1.59
N GLU C 150 -19.45 -9.46 2.28
CA GLU C 150 -19.65 -8.08 1.80
C GLU C 150 -18.63 -7.76 0.69
N THR C 151 -17.37 -8.11 0.92
CA THR C 151 -16.24 -7.68 0.07
C THR C 151 -15.88 -8.78 -0.95
N GLY C 152 -15.96 -10.04 -0.53
CA GLY C 152 -15.55 -11.19 -1.35
C GLY C 152 -14.07 -11.53 -1.16
N ALA C 153 -13.43 -10.89 -0.18
CA ALA C 153 -12.02 -11.08 0.11
C ALA C 153 -11.82 -12.42 0.84
N SER C 154 -10.61 -12.96 0.75
CA SER C 154 -10.19 -14.07 1.57
C SER C 154 -9.88 -13.56 2.98
N VAL C 155 -10.27 -14.34 4.00
CA VAL C 155 -10.09 -13.93 5.39
C VAL C 155 -9.50 -15.12 6.17
N ILE C 156 -8.53 -14.81 7.05
CA ILE C 156 -7.96 -15.77 7.99
C ILE C 156 -8.26 -15.31 9.42
N GLY C 157 -8.54 -16.28 10.29
CA GLY C 157 -8.71 -16.04 11.72
C GLY C 157 -7.83 -16.99 12.52
N ILE C 158 -7.23 -16.47 13.61
CA ILE C 158 -6.39 -17.27 14.50
C ILE C 158 -6.91 -17.11 15.94
N ASP C 159 -6.74 -18.17 16.72
CA ASP C 159 -7.23 -18.23 18.09
C ASP C 159 -6.45 -19.31 18.86
N ILE C 160 -6.06 -18.98 20.09
CA ILE C 160 -5.26 -19.87 20.94
C ILE C 160 -6.16 -20.93 21.58
N ASP C 161 -7.44 -20.60 21.81
CA ASP C 161 -8.42 -21.51 22.39
C ASP C 161 -8.85 -22.53 21.32
N PRO C 162 -8.64 -23.85 21.53
CA PRO C 162 -9.07 -24.86 20.57
C PRO C 162 -10.58 -24.87 20.28
N GLN C 163 -11.39 -24.62 21.31
CA GLN C 163 -12.86 -24.67 21.18
C GLN C 163 -13.35 -23.56 20.24
N ALA C 164 -12.70 -22.40 20.29
CA ALA C 164 -13.02 -21.25 19.45
C ALA C 164 -12.75 -21.56 17.97
N VAL C 165 -11.70 -22.36 17.72
CA VAL C 165 -11.33 -22.77 16.37
C VAL C 165 -12.33 -23.82 15.86
N ASP C 166 -12.68 -24.78 16.74
CA ASP C 166 -13.57 -25.89 16.40
C ASP C 166 -14.97 -25.36 16.05
N LEU C 167 -15.53 -24.53 16.93
CA LEU C 167 -16.87 -23.95 16.73
C LEU C 167 -16.82 -22.94 15.57
N GLY C 168 -15.79 -22.08 15.58
CA GLY C 168 -15.57 -21.08 14.53
C GLY C 168 -15.72 -21.67 13.13
N ARG C 169 -15.08 -22.83 12.91
CA ARG C 169 -15.10 -23.51 11.61
C ARG C 169 -16.52 -23.95 11.26
N ARG C 170 -17.23 -24.49 12.26
CA ARG C 170 -18.58 -25.01 12.07
C ARG C 170 -19.56 -23.86 11.81
N ILE C 171 -19.39 -22.75 12.54
CA ILE C 171 -20.26 -21.58 12.41
C ILE C 171 -20.11 -20.98 11.01
N VAL C 172 -18.87 -20.91 10.51
CA VAL C 172 -18.57 -20.40 9.17
C VAL C 172 -19.22 -21.29 8.11
N ASN C 173 -19.21 -22.61 8.35
CA ASN C 173 -19.75 -23.59 7.41
C ASN C 173 -21.26 -23.39 7.25
N VAL C 174 -21.92 -22.93 8.31
CA VAL C 174 -23.37 -22.70 8.33
C VAL C 174 -23.70 -21.41 7.57
N LEU C 175 -23.00 -20.32 7.89
CA LEU C 175 -23.40 -18.96 7.49
C LEU C 175 -22.67 -18.50 6.22
N ALA C 176 -21.49 -19.05 5.93
CA ALA C 176 -20.69 -18.63 4.77
C ALA C 176 -19.85 -19.79 4.24
N PRO C 177 -20.47 -20.87 3.72
CA PRO C 177 -19.73 -22.03 3.23
C PRO C 177 -18.97 -21.78 1.91
N ASN C 178 -19.55 -20.97 1.02
CA ASN C 178 -19.02 -20.72 -0.32
C ASN C 178 -17.81 -19.77 -0.24
N GLU C 179 -17.73 -18.95 0.82
CA GLU C 179 -16.66 -17.96 0.98
C GLU C 179 -15.36 -18.64 1.38
N ASP C 180 -14.24 -17.95 1.13
CA ASP C 180 -12.88 -18.42 1.44
C ASP C 180 -12.50 -17.89 2.83
N ILE C 181 -12.90 -18.64 3.86
CA ILE C 181 -12.61 -18.31 5.26
C ILE C 181 -11.78 -19.46 5.87
N THR C 182 -10.70 -19.09 6.57
CA THR C 182 -9.78 -20.03 7.19
C THR C 182 -9.61 -19.66 8.67
N ILE C 183 -9.75 -20.65 9.55
CA ILE C 183 -9.52 -20.47 10.99
C ILE C 183 -8.56 -21.57 11.46
N THR C 184 -7.53 -21.17 12.22
CA THR C 184 -6.50 -22.08 12.73
C THR C 184 -6.02 -21.58 14.09
N ASP C 185 -5.21 -22.41 14.77
CA ASP C 185 -4.59 -22.07 16.06
C ASP C 185 -3.11 -21.74 15.84
N GLN C 186 -2.73 -21.44 14.60
CA GLN C 186 -1.38 -21.01 14.24
C GLN C 186 -1.13 -19.60 14.78
N LYS C 187 0.13 -19.32 15.10
CA LYS C 187 0.59 -17.99 15.47
C LYS C 187 0.93 -17.22 14.19
N VAL C 188 1.01 -15.89 14.29
CA VAL C 188 1.32 -15.01 13.16
C VAL C 188 2.57 -15.50 12.42
N SER C 189 3.56 -15.99 13.19
CA SER C 189 4.86 -16.42 12.66
C SER C 189 4.73 -17.70 11.80
N GLU C 190 3.69 -18.50 12.07
CA GLU C 190 3.50 -19.80 11.42
C GLU C 190 2.61 -19.67 10.17
N LEU C 191 1.93 -18.53 10.01
CA LEU C 191 0.97 -18.32 8.92
C LEU C 191 1.70 -18.37 7.57
N LYS C 192 1.08 -19.06 6.60
CA LYS C 192 1.64 -19.34 5.28
C LYS C 192 1.83 -18.04 4.50
N ASP C 193 0.71 -17.32 4.29
CA ASP C 193 0.65 -16.17 3.39
C ASP C 193 0.48 -14.88 4.18
N ILE C 194 1.33 -14.67 5.20
CA ILE C 194 1.24 -13.49 6.06
C ILE C 194 1.74 -12.25 5.29
N LYS C 195 2.65 -12.48 4.32
CA LYS C 195 3.21 -11.42 3.48
C LYS C 195 2.16 -10.90 2.48
N ASP C 196 1.11 -11.69 2.22
CA ASP C 196 0.04 -11.33 1.29
C ASP C 196 -1.06 -10.53 2.00
N VAL C 197 -1.09 -10.58 3.34
CA VAL C 197 -2.16 -9.97 4.15
C VAL C 197 -2.09 -8.44 4.01
N THR C 198 -3.24 -7.84 3.68
CA THR C 198 -3.38 -6.41 3.42
C THR C 198 -4.02 -5.69 4.62
N HIS C 199 -4.94 -6.37 5.31
CA HIS C 199 -5.64 -5.82 6.47
C HIS C 199 -5.53 -6.80 7.65
N ILE C 200 -5.37 -6.26 8.86
CA ILE C 200 -5.34 -7.03 10.09
C ILE C 200 -6.23 -6.36 11.13
N ILE C 201 -7.05 -7.16 11.82
CA ILE C 201 -7.87 -6.71 12.95
C ILE C 201 -7.45 -7.50 14.19
N PHE C 202 -7.27 -6.76 15.30
CA PHE C 202 -7.02 -7.34 16.63
C PHE C 202 -8.31 -7.23 17.45
N SER C 203 -8.71 -8.32 18.10
CA SER C 203 -9.78 -8.28 19.10
C SER C 203 -9.30 -7.48 20.31
N SER C 204 -10.22 -6.72 20.92
CA SER C 204 -9.93 -5.83 22.04
C SER C 204 -9.35 -6.62 23.21
N THR C 205 -10.02 -7.71 23.59
CA THR C 205 -9.71 -8.46 24.80
C THR C 205 -8.64 -9.53 24.50
N ILE C 206 -7.47 -9.05 24.06
CA ILE C 206 -6.26 -9.86 23.87
C ILE C 206 -5.14 -9.21 24.67
N PRO C 207 -4.62 -9.85 25.74
CA PRO C 207 -3.61 -9.21 26.60
C PRO C 207 -2.25 -9.02 25.92
N LEU C 208 -1.95 -9.80 24.87
CA LEU C 208 -0.66 -9.75 24.17
C LEU C 208 -0.83 -9.18 22.74
N LYS C 209 -1.81 -8.30 22.56
CA LYS C 209 -2.17 -7.80 21.22
C LYS C 209 -1.09 -6.85 20.69
N TYR C 210 -0.43 -6.11 21.59
CA TYR C 210 0.63 -5.16 21.20
C TYR C 210 1.97 -5.89 21.06
N SER C 211 2.16 -6.98 21.81
CA SER C 211 3.31 -7.87 21.65
C SER C 211 3.34 -8.42 20.22
N ILE C 212 2.18 -8.87 19.73
CA ILE C 212 2.03 -9.50 18.41
C ILE C 212 2.11 -8.41 17.33
N LEU C 213 1.58 -7.22 17.61
CA LEU C 213 1.59 -6.09 16.67
C LEU C 213 3.03 -5.81 16.21
N GLU C 214 3.95 -5.70 17.17
CA GLU C 214 5.37 -5.42 16.89
C GLU C 214 6.00 -6.60 16.15
N GLU C 215 5.52 -7.83 16.43
CA GLU C 215 6.00 -9.05 15.78
C GLU C 215 5.65 -9.02 14.29
N LEU C 216 4.50 -8.43 13.95
CA LEU C 216 3.95 -8.45 12.58
C LEU C 216 4.74 -7.54 11.64
N TYR C 217 5.46 -6.54 12.19
CA TYR C 217 6.15 -5.52 11.38
C TYR C 217 7.06 -6.19 10.34
N ASP C 218 7.95 -7.07 10.80
CA ASP C 218 8.92 -7.76 9.94
C ASP C 218 8.21 -8.76 9.02
N LEU C 219 7.12 -9.37 9.51
CA LEU C 219 6.43 -10.47 8.83
C LEU C 219 5.58 -9.95 7.65
N THR C 220 4.94 -8.79 7.85
CA THR C 220 3.95 -8.26 6.92
C THR C 220 4.61 -7.44 5.81
N ASN C 221 3.83 -7.11 4.77
CA ASN C 221 4.29 -6.27 3.65
C ASN C 221 4.23 -4.80 4.07
N GLU C 222 4.67 -3.92 3.17
CA GLU C 222 4.93 -2.51 3.47
C GLU C 222 3.63 -1.70 3.57
N ASN C 223 2.56 -2.17 2.92
CA ASN C 223 1.33 -1.40 2.74
C ASN C 223 0.20 -1.93 3.66
N VAL C 224 0.54 -2.80 4.61
CA VAL C 224 -0.43 -3.41 5.53
C VAL C 224 -1.00 -2.31 6.43
N VAL C 225 -2.31 -2.39 6.69
CA VAL C 225 -3.00 -1.55 7.66
C VAL C 225 -3.50 -2.46 8.80
N VAL C 226 -3.46 -1.94 10.03
CA VAL C 226 -3.86 -2.71 11.21
C VAL C 226 -4.94 -1.92 11.96
N ALA C 227 -6.05 -2.60 12.27
CA ALA C 227 -7.11 -2.06 13.10
C ALA C 227 -7.03 -2.69 14.49
N MET C 228 -6.62 -1.88 15.47
CA MET C 228 -6.52 -2.29 16.87
C MET C 228 -7.82 -1.94 17.59
N ARG C 229 -8.56 -2.97 18.03
CA ARG C 229 -9.71 -2.78 18.91
C ARG C 229 -9.18 -2.52 20.33
N PHE C 230 -9.78 -1.53 21.02
CA PHE C 230 -9.33 -1.13 22.35
C PHE C 230 -10.45 -0.37 23.08
N GLY C 231 -10.18 -0.08 24.36
CA GLY C 231 -11.02 0.77 25.19
C GLY C 231 -10.20 1.48 26.25
N ASP C 232 -10.20 2.81 26.20
CA ASP C 232 -9.51 3.66 27.19
C ASP C 232 -10.55 4.23 28.15
N GLY C 233 -10.08 4.68 29.32
CA GLY C 233 -10.94 5.21 30.37
C GLY C 233 -11.83 4.14 30.97
N ILE C 234 -13.15 4.41 30.98
CA ILE C 234 -14.14 3.51 31.59
C ILE C 234 -14.26 2.23 30.77
N LYS C 235 -14.01 2.30 29.46
CA LYS C 235 -14.17 1.16 28.56
C LYS C 235 -13.05 0.13 28.79
N ALA C 236 -11.99 0.52 29.51
CA ALA C 236 -10.85 -0.35 29.81
C ALA C 236 -11.23 -1.48 30.77
N ILE C 237 -12.44 -1.42 31.35
CA ILE C 237 -12.95 -2.45 32.27
C ILE C 237 -13.63 -3.58 31.48
N PHE C 238 -13.84 -3.37 30.17
CA PHE C 238 -14.46 -4.35 29.29
C PHE C 238 -13.64 -4.46 27.99
N ASN C 239 -12.38 -4.02 28.06
CA ASN C 239 -11.45 -3.93 26.93
C ASN C 239 -10.02 -3.87 27.47
N TYR C 240 -9.03 -4.12 26.61
CA TYR C 240 -7.64 -3.75 26.90
C TYR C 240 -7.33 -2.43 26.22
N PRO C 241 -6.62 -1.49 26.91
CA PRO C 241 -6.46 -0.14 26.39
C PRO C 241 -5.49 -0.02 25.21
N SER C 242 -5.45 1.17 24.60
CA SER C 242 -4.45 1.53 23.62
C SER C 242 -3.10 1.76 24.33
N GLN C 243 -2.02 1.60 23.57
CA GLN C 243 -0.65 1.72 24.07
C GLN C 243 0.20 2.49 23.07
N GLU C 244 1.24 3.17 23.57
CA GLU C 244 2.25 3.80 22.74
C GLU C 244 3.10 2.69 22.11
N THR C 245 3.41 2.85 20.81
CA THR C 245 4.20 1.89 20.05
C THR C 245 5.62 2.43 19.85
N ALA C 246 6.50 1.58 19.30
CA ALA C 246 7.86 1.99 18.94
C ALA C 246 7.80 3.03 17.83
N GLU C 247 8.57 4.11 18.00
CA GLU C 247 8.57 5.28 17.09
C GLU C 247 8.94 4.85 15.66
N ASP C 248 9.82 3.85 15.55
CA ASP C 248 10.40 3.42 14.27
C ASP C 248 9.39 2.60 13.47
N LYS C 249 8.71 1.65 14.14
CA LYS C 249 7.93 0.62 13.45
C LYS C 249 6.55 1.17 13.04
N TRP C 250 5.58 1.16 13.95
CA TRP C 250 4.19 1.52 13.66
C TRP C 250 3.92 2.97 14.07
N GLN C 251 2.99 3.62 13.36
CA GLN C 251 2.47 4.94 13.70
C GLN C 251 0.94 4.90 13.67
N CYS C 252 0.31 5.52 14.68
CA CYS C 252 -1.14 5.61 14.76
C CYS C 252 -1.64 6.71 13.82
N VAL C 253 -2.51 6.34 12.87
CA VAL C 253 -2.99 7.23 11.83
C VAL C 253 -4.35 7.81 12.24
N ASN C 254 -5.22 6.95 12.81
CA ASN C 254 -6.58 7.32 13.19
C ASN C 254 -6.94 6.68 14.53
N LYS C 255 -7.80 7.36 15.28
CA LYS C 255 -8.45 6.82 16.48
C LYS C 255 -9.92 7.27 16.48
N HIS C 256 -10.81 6.33 16.19
CA HIS C 256 -12.25 6.55 16.14
C HIS C 256 -12.86 6.27 17.52
N MET C 257 -13.33 7.34 18.18
CA MET C 257 -13.94 7.26 19.50
C MET C 257 -15.45 7.46 19.35
N ARG C 258 -16.21 6.37 19.45
CA ARG C 258 -17.66 6.38 19.29
C ARG C 258 -18.32 6.07 20.63
N PRO C 259 -19.14 6.98 21.19
CA PRO C 259 -19.62 6.86 22.57
C PRO C 259 -20.66 5.76 22.83
N GLN C 260 -21.30 5.25 21.77
CA GLN C 260 -22.36 4.25 21.88
C GLN C 260 -21.81 2.84 21.59
N GLN C 261 -20.50 2.74 21.32
CA GLN C 261 -19.84 1.47 21.03
C GLN C 261 -19.06 1.00 22.26
N ILE C 262 -19.03 -0.33 22.45
CA ILE C 262 -18.34 -0.96 23.58
C ILE C 262 -16.82 -0.84 23.40
N PHE C 263 -16.34 -1.10 22.18
CA PHE C 263 -14.91 -0.96 21.85
C PHE C 263 -14.72 0.11 20.77
N ASP C 264 -13.53 0.72 20.79
CA ASP C 264 -13.12 1.73 19.82
C ASP C 264 -12.03 1.11 18.92
N ILE C 265 -11.74 1.80 17.81
CA ILE C 265 -10.78 1.34 16.81
C ILE C 265 -9.60 2.33 16.76
N ALA C 266 -8.39 1.79 16.74
CA ALA C 266 -7.16 2.54 16.47
C ALA C 266 -6.49 1.97 15.22
N LEU C 267 -6.25 2.83 14.23
CA LEU C 267 -5.70 2.44 12.92
C LEU C 267 -4.19 2.68 12.92
N TYR C 268 -3.42 1.65 12.51
CA TYR C 268 -1.96 1.74 12.42
C TYR C 268 -1.50 1.47 10.98
N LYS C 269 -0.42 2.15 10.59
CA LYS C 269 0.34 1.89 9.38
C LYS C 269 1.83 2.04 9.71
N LYS C 270 2.69 1.55 8.81
CA LYS C 270 4.13 1.60 8.99
C LYS C 270 4.60 3.05 8.73
N ALA C 271 5.61 3.48 9.48
CA ALA C 271 6.15 4.85 9.40
C ALA C 271 7.24 4.92 8.34
N GLN D 22 7.28 33.06 21.73
CA GLN D 22 8.20 33.10 20.56
C GLN D 22 7.38 32.92 19.26
N TYR D 23 6.57 31.86 19.22
CA TYR D 23 5.72 31.55 18.06
C TYR D 23 4.67 32.66 17.86
N LEU D 24 4.25 33.31 18.95
CA LEU D 24 3.33 34.45 18.90
C LEU D 24 4.02 35.65 18.23
N GLU D 25 5.26 35.93 18.65
CA GLU D 25 6.04 37.07 18.15
C GLU D 25 6.38 36.87 16.66
N LYS D 26 6.84 35.67 16.32
CA LYS D 26 7.24 35.31 14.95
C LYS D 26 6.03 35.42 14.00
N PHE D 27 4.91 34.80 14.40
CA PHE D 27 3.68 34.78 13.61
C PHE D 27 3.20 36.22 13.37
N GLU D 28 3.19 37.03 14.44
CA GLU D 28 2.76 38.44 14.38
C GLU D 28 3.71 39.25 13.49
N ALA D 29 5.01 38.95 13.59
CA ALA D 29 6.05 39.64 12.83
C ALA D 29 5.96 39.27 11.35
N HIS D 30 6.04 37.95 11.06
CA HIS D 30 6.07 37.42 9.70
C HIS D 30 4.84 37.86 8.89
N TYR D 31 3.70 38.02 9.58
CA TYR D 31 2.44 38.42 8.95
C TYR D 31 2.57 39.80 8.31
N GLU D 32 3.00 40.79 9.11
CA GLU D 32 3.11 42.19 8.68
C GLU D 32 4.19 42.32 7.59
N ARG D 33 5.27 41.53 7.70
CA ARG D 33 6.35 41.51 6.71
C ARG D 33 5.81 41.05 5.35
N VAL D 34 5.04 39.96 5.35
CA VAL D 34 4.55 39.30 4.13
C VAL D 34 3.56 40.21 3.40
N LEU D 35 2.74 40.95 4.16
CA LEU D 35 1.76 41.88 3.59
C LEU D 35 2.48 43.02 2.84
N GLN D 36 3.64 43.43 3.34
CA GLN D 36 4.44 44.52 2.77
C GLN D 36 5.17 44.02 1.52
N ASP D 37 6.04 43.01 1.69
CA ASP D 37 6.94 42.53 0.65
C ASP D 37 6.76 41.01 0.48
N ASP D 38 7.03 40.54 -0.74
CA ASP D 38 6.84 39.13 -1.13
C ASP D 38 8.09 38.31 -0.79
N GLN D 39 9.17 38.97 -0.35
CA GLN D 39 10.45 38.34 -0.04
C GLN D 39 10.31 37.38 1.15
N TYR D 40 9.41 37.70 2.08
CA TYR D 40 9.25 36.98 3.35
C TYR D 40 8.17 35.89 3.25
N ILE D 41 7.71 35.59 2.02
CA ILE D 41 6.69 34.56 1.78
C ILE D 41 7.26 33.18 2.13
N GLU D 42 8.50 32.93 1.71
CA GLU D 42 9.19 31.66 1.93
C GLU D 42 9.34 31.38 3.43
N ALA D 43 9.62 32.44 4.21
CA ALA D 43 9.85 32.35 5.65
C ALA D 43 8.58 31.91 6.38
N LEU D 44 7.44 32.51 6.01
CA LEU D 44 6.14 32.22 6.62
C LEU D 44 5.74 30.76 6.37
N GLU D 45 5.99 30.28 5.13
CA GLU D 45 5.68 28.92 4.73
C GLU D 45 6.54 27.92 5.53
N THR D 46 7.82 28.25 5.72
CA THR D 46 8.76 27.41 6.46
C THR D 46 8.37 27.37 7.95
N LEU D 47 7.93 28.51 8.48
CA LEU D 47 7.52 28.64 9.88
C LEU D 47 6.28 27.79 10.14
N MET D 48 5.29 27.87 9.22
CA MET D 48 4.06 27.08 9.29
C MET D 48 4.39 25.59 9.31
N ASP D 49 5.36 25.17 8.48
CA ASP D 49 5.81 23.77 8.40
C ASP D 49 6.38 23.32 9.75
N ASP D 50 7.16 24.20 10.39
CA ASP D 50 7.75 23.94 11.70
C ASP D 50 6.64 23.95 12.77
N TYR D 51 5.70 24.88 12.65
CA TYR D 51 4.57 25.02 13.58
C TYR D 51 3.64 23.81 13.47
N SER D 52 3.53 23.24 12.27
CA SER D 52 2.74 22.03 12.01
C SER D 52 3.39 20.81 12.68
N GLU D 53 4.72 20.74 12.61
CA GLU D 53 5.51 19.66 13.20
C GLU D 53 5.57 19.80 14.73
N PHE D 54 5.38 21.04 15.22
CA PHE D 54 5.46 21.37 16.65
C PHE D 54 4.32 20.73 17.43
N ILE D 55 3.08 20.97 16.98
CA ILE D 55 1.87 20.53 17.70
C ILE D 55 1.65 19.02 17.53
N LEU D 56 2.34 18.40 16.56
CA LEU D 56 2.28 16.95 16.32
C LEU D 56 3.53 16.27 16.90
N ASN D 57 4.18 16.93 17.87
CA ASN D 57 5.37 16.40 18.54
C ASN D 57 4.97 15.84 19.90
N PRO D 58 5.04 14.51 20.12
CA PRO D 58 4.66 13.90 21.39
C PRO D 58 5.35 14.48 22.65
N ILE D 59 6.60 14.96 22.46
CA ILE D 59 7.42 15.47 23.56
C ILE D 59 6.79 16.76 24.12
N TYR D 60 6.43 17.68 23.21
CA TYR D 60 5.92 19.01 23.57
C TYR D 60 4.44 18.93 24.00
N GLU D 61 3.76 17.85 23.62
CA GLU D 61 2.36 17.62 23.99
C GLU D 61 2.25 17.44 25.51
N GLN D 62 3.17 16.68 26.08
CA GLN D 62 3.25 16.46 27.53
C GLN D 62 3.59 17.77 28.24
N GLN D 63 4.51 18.54 27.64
CA GLN D 63 4.96 19.83 28.16
C GLN D 63 3.79 20.82 28.21
N PHE D 64 2.91 20.75 27.21
CA PHE D 64 1.72 21.60 27.12
C PHE D 64 0.70 21.20 28.20
N ASN D 65 0.50 19.89 28.36
CA ASN D 65 -0.50 19.34 29.29
C ASN D 65 -0.08 19.61 30.74
N ALA D 66 1.24 19.62 30.99
CA ALA D 66 1.81 19.88 32.31
C ALA D 66 1.45 21.28 32.79
N TRP D 67 1.35 22.24 31.86
CA TRP D 67 1.01 23.63 32.15
C TRP D 67 -0.45 23.74 32.57
N ARG D 68 -0.75 24.68 33.47
CA ARG D 68 -2.09 24.92 34.00
C ARG D 68 -2.54 26.34 33.60
N ASP D 69 -2.46 27.28 34.55
CA ASP D 69 -2.82 28.69 34.34
C ASP D 69 -4.22 28.77 33.74
N VAL D 70 -5.23 28.41 34.54
CA VAL D 70 -6.64 28.30 34.13
C VAL D 70 -7.07 29.56 33.38
N GLU D 71 -6.89 30.73 34.03
CA GLU D 71 -7.25 32.03 33.48
C GLU D 71 -6.00 32.79 33.03
N GLU D 72 -5.25 32.19 32.10
CA GLU D 72 -3.98 32.75 31.60
C GLU D 72 -3.53 32.00 30.34
N LYS D 73 -3.44 30.66 30.45
CA LYS D 73 -3.05 29.78 29.34
C LYS D 73 -4.02 29.93 28.16
N ALA D 74 -5.33 30.03 28.48
CA ALA D 74 -6.39 30.19 27.49
C ALA D 74 -6.23 31.51 26.72
N GLN D 75 -5.66 32.53 27.38
CA GLN D 75 -5.41 33.84 26.78
C GLN D 75 -4.39 33.72 25.64
N LEU D 76 -3.26 33.03 25.92
CA LEU D 76 -2.17 32.88 24.96
C LEU D 76 -2.64 32.05 23.75
N ILE D 77 -3.52 31.08 24.00
CA ILE D 77 -4.16 30.27 22.95
C ILE D 77 -4.95 31.20 22.02
N LYS D 78 -5.78 32.06 22.61
CA LYS D 78 -6.63 33.02 21.89
C LYS D 78 -5.75 33.89 20.96
N SER D 79 -4.58 34.29 21.46
CA SER D 79 -3.64 35.15 20.72
C SER D 79 -3.06 34.40 19.52
N LEU D 80 -2.63 33.15 19.73
CA LEU D 80 -2.02 32.32 18.68
C LEU D 80 -3.08 31.89 17.64
N GLN D 81 -4.29 31.57 18.12
CA GLN D 81 -5.42 31.21 17.26
C GLN D 81 -5.69 32.32 16.24
N TYR D 82 -5.71 33.57 16.72
CA TYR D 82 -6.10 34.74 15.91
C TYR D 82 -5.10 35.00 14.79
N ILE D 83 -3.80 34.97 15.12
CA ILE D 83 -2.74 35.33 14.18
C ILE D 83 -2.52 34.21 13.16
N THR D 84 -2.59 32.95 13.61
CA THR D 84 -2.40 31.79 12.74
C THR D 84 -3.61 31.62 11.81
N ALA D 85 -4.78 32.10 12.24
CA ALA D 85 -6.01 32.10 11.43
C ALA D 85 -5.80 32.97 10.18
N GLN D 86 -5.23 34.17 10.38
CA GLN D 86 -4.95 35.12 9.31
C GLN D 86 -3.81 34.60 8.43
N CYS D 87 -2.84 33.92 9.04
CA CYS D 87 -1.70 33.33 8.35
C CYS D 87 -2.15 32.21 7.40
N VAL D 88 -3.18 31.46 7.80
CA VAL D 88 -3.76 30.40 6.97
C VAL D 88 -4.40 31.04 5.72
N LYS D 89 -5.22 32.08 5.96
CA LYS D 89 -5.90 32.82 4.90
C LYS D 89 -4.88 33.32 3.88
N GLN D 90 -3.80 33.95 4.36
CA GLN D 90 -2.78 34.61 3.53
C GLN D 90 -1.96 33.56 2.77
N VAL D 91 -1.67 32.43 3.42
CA VAL D 91 -0.89 31.33 2.82
C VAL D 91 -1.70 30.69 1.68
N GLU D 92 -3.03 30.67 1.82
CA GLU D 92 -3.93 30.18 0.77
C GLU D 92 -3.95 31.18 -0.39
N VAL D 93 -4.00 32.47 -0.08
CA VAL D 93 -4.00 33.55 -1.09
C VAL D 93 -2.68 33.47 -1.89
N ILE D 94 -1.57 33.25 -1.18
CA ILE D 94 -0.24 33.13 -1.79
C ILE D 94 -0.24 31.97 -2.79
N ARG D 95 -0.83 30.83 -2.38
CA ARG D 95 -0.88 29.62 -3.21
C ARG D 95 -1.83 29.85 -4.39
N ALA D 96 -2.99 30.48 -4.10
CA ALA D 96 -3.98 30.83 -5.12
C ALA D 96 -3.35 31.76 -6.16
N ARG D 97 -2.50 32.68 -5.70
CA ARG D 97 -1.81 33.66 -6.54
C ARG D 97 -0.84 32.94 -7.50
N ARG D 98 -0.11 31.94 -6.98
CA ARG D 98 0.88 31.18 -7.76
C ARG D 98 0.20 30.40 -8.89
N LEU D 99 -0.96 29.78 -8.58
CA LEU D 99 -1.68 28.92 -9.51
C LEU D 99 -2.28 29.76 -10.65
N LEU D 100 -2.77 30.96 -10.31
CA LEU D 100 -3.29 31.91 -11.29
C LEU D 100 -2.15 32.44 -12.16
N ASP D 101 -0.96 32.60 -11.57
CA ASP D 101 0.27 32.99 -12.28
C ASP D 101 0.78 31.81 -13.13
N GLY D 102 0.40 30.59 -12.74
CA GLY D 102 0.59 29.39 -13.56
C GLY D 102 1.70 28.48 -13.03
N GLN D 103 1.66 28.20 -11.73
CA GLN D 103 2.62 27.32 -11.07
C GLN D 103 1.95 26.65 -9.87
N ALA D 104 1.81 25.33 -9.95
CA ALA D 104 1.35 24.51 -8.83
C ALA D 104 2.41 24.56 -7.72
N SER D 105 1.94 24.47 -6.47
CA SER D 105 2.79 24.58 -5.29
C SER D 105 2.15 23.80 -4.13
N THR D 106 2.99 23.47 -3.14
CA THR D 106 2.53 22.86 -1.90
C THR D 106 3.61 23.03 -0.82
N THR D 107 3.15 23.28 0.41
CA THR D 107 3.98 23.32 1.59
C THR D 107 3.81 21.99 2.35
N GLY D 108 4.59 21.84 3.43
CA GLY D 108 4.41 20.75 4.37
C GLY D 108 3.06 20.83 5.07
N TYR D 109 2.67 22.06 5.44
CA TYR D 109 1.39 22.36 6.09
C TYR D 109 0.23 21.83 5.23
N PHE D 110 0.18 22.25 3.96
CA PHE D 110 -0.87 21.85 3.04
C PHE D 110 -0.82 20.33 2.83
N ASP D 111 0.39 19.81 2.56
CA ASP D 111 0.63 18.39 2.31
C ASP D 111 0.00 17.53 3.42
N ASN D 112 0.12 18.01 4.67
CA ASN D 112 -0.37 17.31 5.86
C ASN D 112 -1.90 17.14 5.79
N ILE D 113 -2.60 18.18 5.35
CA ILE D 113 -4.07 18.24 5.45
C ILE D 113 -4.74 17.96 4.10
N GLU D 114 -3.95 17.95 3.01
CA GLU D 114 -4.49 17.96 1.65
C GLU D 114 -5.01 16.58 1.26
N HIS D 115 -4.29 15.53 1.66
CA HIS D 115 -4.52 14.16 1.16
C HIS D 115 -5.75 13.53 1.84
N CYS D 116 -5.97 13.86 3.12
CA CYS D 116 -6.97 13.17 3.96
C CYS D 116 -8.32 13.89 3.95
N ILE D 117 -8.47 14.92 3.10
CA ILE D 117 -9.67 15.77 3.05
C ILE D 117 -10.88 14.95 2.60
N ASP D 118 -10.66 13.96 1.73
CA ASP D 118 -11.73 13.14 1.15
C ASP D 118 -12.41 12.30 2.23
N GLU D 119 -11.59 11.52 2.97
CA GLU D 119 -12.07 10.57 3.98
C GLU D 119 -12.09 11.25 5.36
N GLU D 120 -13.06 12.15 5.56
CA GLU D 120 -13.30 12.82 6.84
C GLU D 120 -14.61 12.32 7.47
N PHE D 121 -15.64 12.17 6.63
CA PHE D 121 -16.88 11.48 7.00
C PHE D 121 -16.62 9.98 7.16
N GLY D 122 -15.72 9.45 6.32
CA GLY D 122 -15.46 8.04 6.16
C GLY D 122 -15.37 7.67 4.69
N GLN D 123 -14.69 6.56 4.40
CA GLN D 123 -14.49 6.11 3.02
C GLN D 123 -15.85 5.74 2.41
N CYS D 124 -16.11 6.28 1.20
CA CYS D 124 -17.37 6.10 0.47
C CYS D 124 -18.56 6.55 1.31
N SER D 125 -18.50 7.80 1.78
CA SER D 125 -19.56 8.43 2.57
C SER D 125 -20.46 9.30 1.69
N ILE D 126 -19.90 9.86 0.61
CA ILE D 126 -20.58 10.80 -0.28
C ILE D 126 -20.71 10.18 -1.68
N THR D 127 -21.94 10.13 -2.19
CA THR D 127 -22.25 9.67 -3.54
C THR D 127 -22.49 10.89 -4.46
N SER D 128 -22.72 10.64 -5.75
CA SER D 128 -22.94 11.68 -6.75
C SER D 128 -24.29 12.36 -6.54
N ASN D 129 -25.24 11.65 -5.91
CA ASN D 129 -26.57 12.17 -5.60
C ASN D 129 -26.49 13.20 -4.46
N ASP D 130 -25.58 12.95 -3.50
CA ASP D 130 -25.49 13.73 -2.26
C ASP D 130 -25.05 15.18 -2.55
N LYS D 131 -25.14 16.02 -1.52
CA LYS D 131 -24.82 17.45 -1.60
C LYS D 131 -24.05 17.86 -0.34
N LEU D 132 -22.89 18.49 -0.52
CA LEU D 132 -22.02 18.93 0.58
C LEU D 132 -22.10 20.46 0.72
N LEU D 133 -21.87 20.95 1.95
CA LEU D 133 -21.78 22.37 2.26
C LEU D 133 -20.56 22.61 3.15
N LEU D 134 -19.73 23.60 2.78
CA LEU D 134 -18.52 23.94 3.51
C LEU D 134 -18.64 25.37 4.06
N VAL D 135 -18.33 25.52 5.36
CA VAL D 135 -18.25 26.81 6.03
C VAL D 135 -16.78 27.21 6.15
N GLY D 136 -16.42 28.32 5.49
CA GLY D 136 -15.04 28.81 5.44
C GLY D 136 -14.27 28.16 4.31
N SER D 137 -14.66 28.49 3.08
CA SER D 137 -14.10 27.91 1.85
C SER D 137 -12.64 28.35 1.68
N GLY D 138 -12.38 29.65 1.86
CA GLY D 138 -11.03 30.22 1.78
C GLY D 138 -10.64 30.56 0.34
N ALA D 139 -9.43 31.10 0.20
CA ALA D 139 -8.88 31.51 -1.10
C ALA D 139 -8.57 30.27 -1.96
N TYR D 140 -8.17 29.17 -1.31
CA TYR D 140 -7.85 27.90 -1.98
C TYR D 140 -8.78 26.81 -1.47
N PRO D 141 -10.06 26.76 -1.93
CA PRO D 141 -11.02 25.78 -1.45
C PRO D 141 -10.73 24.35 -1.94
N MET D 142 -9.91 23.62 -1.16
CA MET D 142 -9.45 22.27 -1.51
C MET D 142 -10.62 21.29 -1.45
N THR D 143 -11.35 21.33 -0.33
CA THR D 143 -12.40 20.38 0.01
C THR D 143 -13.43 20.32 -1.13
N LEU D 144 -13.87 21.49 -1.59
CA LEU D 144 -14.92 21.60 -2.60
C LEU D 144 -14.46 20.95 -3.91
N ILE D 145 -13.22 21.23 -4.31
CA ILE D 145 -12.65 20.70 -5.56
C ILE D 145 -12.46 19.19 -5.45
N GLN D 146 -11.91 18.73 -4.32
CA GLN D 146 -11.58 17.31 -4.10
C GLN D 146 -12.88 16.50 -4.09
N VAL D 147 -13.82 16.90 -3.23
CA VAL D 147 -15.11 16.21 -3.04
C VAL D 147 -15.88 16.18 -4.37
N ALA D 148 -15.89 17.31 -5.09
CA ALA D 148 -16.62 17.45 -6.35
C ALA D 148 -16.03 16.51 -7.41
N LYS D 149 -14.70 16.51 -7.53
CA LYS D 149 -14.00 15.74 -8.56
C LYS D 149 -14.11 14.23 -8.28
N GLU D 150 -13.90 13.84 -7.02
CA GLU D 150 -13.81 12.43 -6.63
C GLU D 150 -15.21 11.79 -6.59
N THR D 151 -16.12 12.40 -5.83
CA THR D 151 -17.44 11.82 -5.54
C THR D 151 -18.41 12.11 -6.70
N GLY D 152 -18.42 13.36 -7.17
CA GLY D 152 -19.29 13.82 -8.24
C GLY D 152 -20.46 14.65 -7.74
N ALA D 153 -20.52 14.86 -6.42
CA ALA D 153 -21.60 15.60 -5.76
C ALA D 153 -21.47 17.10 -6.08
N SER D 154 -22.61 17.79 -5.98
CA SER D 154 -22.65 19.26 -6.02
C SER D 154 -22.32 19.80 -4.63
N VAL D 155 -21.42 20.79 -4.58
CA VAL D 155 -20.83 21.27 -3.33
C VAL D 155 -21.01 22.80 -3.24
N ILE D 156 -21.25 23.28 -2.01
CA ILE D 156 -21.45 24.71 -1.72
C ILE D 156 -20.35 25.17 -0.76
N GLY D 157 -19.87 26.41 -0.95
CA GLY D 157 -18.89 27.03 -0.08
C GLY D 157 -19.31 28.43 0.32
N ILE D 158 -18.95 28.85 1.54
CA ILE D 158 -19.22 30.20 2.04
C ILE D 158 -18.01 30.71 2.82
N ASP D 159 -17.87 32.03 2.87
CA ASP D 159 -16.78 32.70 3.58
C ASP D 159 -17.18 34.17 3.83
N ILE D 160 -16.89 34.64 5.05
CA ILE D 160 -17.21 36.01 5.48
C ILE D 160 -16.34 37.01 4.70
N ASP D 161 -15.09 36.61 4.42
CA ASP D 161 -14.13 37.41 3.66
C ASP D 161 -14.54 37.42 2.19
N PRO D 162 -14.86 38.60 1.60
CA PRO D 162 -15.17 38.69 0.17
C PRO D 162 -13.99 38.33 -0.75
N GLN D 163 -12.76 38.47 -0.25
CA GLN D 163 -11.53 38.16 -1.00
C GLN D 163 -11.44 36.64 -1.24
N ALA D 164 -11.70 35.86 -0.18
CA ALA D 164 -11.66 34.39 -0.21
C ALA D 164 -12.65 33.85 -1.24
N VAL D 165 -13.79 34.53 -1.40
CA VAL D 165 -14.83 34.16 -2.36
C VAL D 165 -14.33 34.45 -3.79
N ASP D 166 -13.74 35.64 -3.98
CA ASP D 166 -13.28 36.11 -5.28
C ASP D 166 -12.23 35.15 -5.85
N LEU D 167 -11.20 34.84 -5.05
CA LEU D 167 -10.12 33.94 -5.44
C LEU D 167 -10.65 32.51 -5.57
N GLY D 168 -11.48 32.09 -4.60
CA GLY D 168 -12.05 30.74 -4.56
C GLY D 168 -12.67 30.33 -5.89
N ARG D 169 -13.54 31.20 -6.42
CA ARG D 169 -14.24 30.97 -7.69
C ARG D 169 -13.22 30.77 -8.82
N ARG D 170 -12.16 31.59 -8.81
CA ARG D 170 -11.12 31.55 -9.85
C ARG D 170 -10.36 30.23 -9.80
N ILE D 171 -9.99 29.79 -8.59
CA ILE D 171 -9.24 28.53 -8.39
C ILE D 171 -10.15 27.35 -8.73
N VAL D 172 -11.45 27.48 -8.43
CA VAL D 172 -12.47 26.49 -8.79
C VAL D 172 -12.56 26.39 -10.32
N ASN D 173 -12.49 27.55 -11.00
CA ASN D 173 -12.59 27.64 -12.46
C ASN D 173 -11.34 27.03 -13.10
N VAL D 174 -10.20 27.12 -12.43
CA VAL D 174 -8.91 26.62 -12.92
C VAL D 174 -8.88 25.08 -12.79
N LEU D 175 -9.21 24.58 -11.59
CA LEU D 175 -8.98 23.17 -11.23
C LEU D 175 -10.20 22.30 -11.56
N ALA D 176 -11.41 22.88 -11.55
CA ALA D 176 -12.65 22.12 -11.76
C ALA D 176 -13.77 23.01 -12.28
N PRO D 177 -13.67 23.53 -13.53
CA PRO D 177 -14.73 24.37 -14.10
C PRO D 177 -15.99 23.61 -14.55
N ASN D 178 -15.87 22.30 -14.75
CA ASN D 178 -16.97 21.46 -15.25
C ASN D 178 -17.81 20.92 -14.08
N GLU D 179 -17.24 20.94 -12.87
CA GLU D 179 -17.91 20.42 -11.68
C GLU D 179 -18.86 21.48 -11.11
N ASP D 180 -19.96 21.02 -10.51
CA ASP D 180 -20.99 21.88 -9.93
C ASP D 180 -20.50 22.40 -8.57
N ILE D 181 -19.67 23.44 -8.62
CA ILE D 181 -19.09 24.08 -7.44
C ILE D 181 -19.52 25.55 -7.44
N THR D 182 -20.08 26.00 -6.31
CA THR D 182 -20.54 27.40 -6.15
C THR D 182 -20.12 27.92 -4.77
N ILE D 183 -19.48 29.10 -4.78
CA ILE D 183 -19.05 29.78 -3.57
C ILE D 183 -19.71 31.17 -3.54
N THR D 184 -20.18 31.57 -2.36
CA THR D 184 -20.84 32.85 -2.14
C THR D 184 -20.27 33.51 -0.88
N ASP D 185 -20.72 34.74 -0.61
CA ASP D 185 -20.44 35.45 0.65
C ASP D 185 -21.73 35.52 1.47
N GLN D 186 -22.56 34.47 1.35
CA GLN D 186 -23.86 34.39 2.00
C GLN D 186 -23.69 33.78 3.40
N LYS D 187 -24.65 34.06 4.28
CA LYS D 187 -24.75 33.43 5.59
C LYS D 187 -25.45 32.08 5.41
N VAL D 188 -25.43 31.28 6.49
CA VAL D 188 -26.11 29.98 6.55
C VAL D 188 -27.61 30.17 6.29
N SER D 189 -28.15 31.28 6.80
CA SER D 189 -29.58 31.63 6.68
C SER D 189 -30.00 31.77 5.22
N GLU D 190 -29.11 32.35 4.39
CA GLU D 190 -29.43 32.77 3.02
C GLU D 190 -29.25 31.61 2.03
N LEU D 191 -28.79 30.44 2.51
CA LEU D 191 -28.71 29.23 1.69
C LEU D 191 -30.12 28.78 1.32
N LYS D 192 -30.45 28.89 0.02
CA LYS D 192 -31.82 28.72 -0.50
C LYS D 192 -32.38 27.35 -0.12
N ASP D 193 -31.76 26.28 -0.65
CA ASP D 193 -32.21 24.91 -0.41
C ASP D 193 -31.16 24.19 0.45
N ILE D 194 -31.09 24.60 1.73
CA ILE D 194 -30.24 23.98 2.74
C ILE D 194 -30.91 22.69 3.24
N LYS D 195 -32.20 22.53 2.95
CA LYS D 195 -32.98 21.33 3.28
C LYS D 195 -32.56 20.16 2.38
N ASP D 196 -32.00 20.47 1.20
CA ASP D 196 -31.57 19.47 0.21
C ASP D 196 -30.14 18.99 0.50
N VAL D 197 -29.48 19.57 1.52
CA VAL D 197 -28.10 19.25 1.87
C VAL D 197 -28.09 17.95 2.71
N THR D 198 -27.10 17.09 2.42
CA THR D 198 -26.91 15.80 3.08
C THR D 198 -25.67 15.80 3.98
N HIS D 199 -24.66 16.60 3.61
CA HIS D 199 -23.37 16.66 4.31
C HIS D 199 -22.97 18.13 4.53
N ILE D 200 -22.50 18.44 5.74
CA ILE D 200 -22.02 19.78 6.11
C ILE D 200 -20.64 19.67 6.76
N ILE D 201 -19.64 20.32 6.16
CA ILE D 201 -18.29 20.43 6.73
C ILE D 201 -18.17 21.80 7.41
N PHE D 202 -17.45 21.83 8.53
CA PHE D 202 -17.03 23.07 9.18
C PHE D 202 -15.50 23.13 9.17
N SER D 203 -14.96 24.29 8.77
CA SER D 203 -13.54 24.58 8.91
C SER D 203 -13.21 24.78 10.39
N SER D 204 -12.02 24.35 10.79
CA SER D 204 -11.59 24.35 12.19
C SER D 204 -11.53 25.78 12.74
N THR D 205 -10.89 26.68 11.98
CA THR D 205 -10.63 28.05 12.40
C THR D 205 -11.86 28.93 12.07
N ILE D 206 -12.91 28.77 12.87
CA ILE D 206 -14.15 29.53 12.73
C ILE D 206 -14.74 29.74 14.13
N PRO D 207 -14.54 30.92 14.76
CA PRO D 207 -15.01 31.17 16.13
C PRO D 207 -16.48 30.80 16.38
N LEU D 208 -17.37 31.20 15.47
CA LEU D 208 -18.82 31.06 15.64
C LEU D 208 -19.33 29.81 14.89
N LYS D 209 -18.50 28.77 14.80
CA LYS D 209 -18.85 27.54 14.07
C LYS D 209 -19.89 26.74 14.88
N TYR D 210 -19.81 26.83 16.22
CA TYR D 210 -20.73 26.12 17.12
C TYR D 210 -22.05 26.91 17.26
N SER D 211 -21.99 28.23 17.05
CA SER D 211 -23.19 29.07 17.02
C SER D 211 -23.96 28.82 15.72
N ILE D 212 -23.22 28.60 14.63
CA ILE D 212 -23.79 28.31 13.31
C ILE D 212 -24.36 26.88 13.31
N LEU D 213 -23.73 25.98 14.06
CA LEU D 213 -24.17 24.59 14.18
C LEU D 213 -25.61 24.55 14.73
N GLU D 214 -25.87 25.34 15.77
CA GLU D 214 -27.16 25.38 16.48
C GLU D 214 -28.29 25.77 15.52
N GLU D 215 -28.07 26.83 14.73
CA GLU D 215 -29.10 27.40 13.85
C GLU D 215 -29.27 26.56 12.58
N LEU D 216 -28.32 25.66 12.31
CA LEU D 216 -28.37 24.78 11.14
C LEU D 216 -29.38 23.64 11.35
N TYR D 217 -29.65 23.29 12.61
CA TYR D 217 -30.50 22.16 12.99
C TYR D 217 -31.85 22.23 12.26
N ASP D 218 -32.59 23.32 12.51
CA ASP D 218 -33.97 23.48 12.05
C ASP D 218 -33.97 23.78 10.54
N LEU D 219 -32.90 24.43 10.06
CA LEU D 219 -32.72 24.74 8.63
C LEU D 219 -32.56 23.45 7.84
N THR D 220 -31.68 22.56 8.33
CA THR D 220 -31.35 21.29 7.67
C THR D 220 -32.47 20.26 7.94
N ASN D 221 -32.40 19.14 7.20
CA ASN D 221 -33.37 18.04 7.31
C ASN D 221 -32.93 17.09 8.42
N GLU D 222 -33.60 15.94 8.53
CA GLU D 222 -33.38 14.97 9.59
C GLU D 222 -32.09 14.17 9.31
N ASN D 223 -32.04 13.50 8.16
CA ASN D 223 -30.92 12.61 7.80
C ASN D 223 -29.76 13.44 7.25
N VAL D 224 -28.99 14.04 8.18
CA VAL D 224 -27.86 14.92 7.84
C VAL D 224 -26.68 14.58 8.74
N VAL D 225 -25.47 14.68 8.17
CA VAL D 225 -24.20 14.46 8.88
C VAL D 225 -23.41 15.77 8.87
N VAL D 226 -22.74 16.07 10.00
CA VAL D 226 -21.94 17.28 10.17
C VAL D 226 -20.54 16.87 10.62
N ALA D 227 -19.54 17.20 9.80
CA ALA D 227 -18.14 16.96 10.10
C ALA D 227 -17.50 18.26 10.61
N MET D 228 -17.42 18.40 11.94
CA MET D 228 -16.81 19.55 12.60
C MET D 228 -15.31 19.30 12.76
N ARG D 229 -14.50 20.13 12.09
CA ARG D 229 -13.05 20.13 12.29
C ARG D 229 -12.73 20.88 13.57
N PHE D 230 -11.74 20.39 14.32
CA PHE D 230 -11.34 20.99 15.60
C PHE D 230 -9.92 20.53 15.97
N GLY D 231 -9.41 21.14 17.05
CA GLY D 231 -8.13 20.76 17.64
C GLY D 231 -8.13 21.04 19.14
N ASP D 232 -8.11 19.98 19.95
CA ASP D 232 -8.10 20.07 21.40
C ASP D 232 -6.65 19.88 21.90
N GLY D 233 -6.40 20.33 23.13
CA GLY D 233 -5.08 20.26 23.74
C GLY D 233 -4.11 21.23 23.08
N ILE D 234 -2.96 20.70 22.66
CA ILE D 234 -1.89 21.51 22.03
C ILE D 234 -2.34 21.96 20.63
N LYS D 235 -3.30 21.24 20.02
CA LYS D 235 -3.81 21.55 18.68
C LYS D 235 -4.69 22.81 18.70
N ALA D 236 -5.10 23.25 19.91
CA ALA D 236 -5.99 24.39 20.09
C ALA D 236 -5.26 25.73 19.85
N ILE D 237 -3.93 25.69 19.72
CA ILE D 237 -3.14 26.89 19.41
C ILE D 237 -3.18 27.16 17.90
N PHE D 238 -3.47 26.11 17.11
CA PHE D 238 -3.53 26.20 15.64
C PHE D 238 -4.93 25.84 15.14
N ASN D 239 -5.90 25.76 16.06
CA ASN D 239 -7.30 25.42 15.76
C ASN D 239 -8.21 26.04 16.83
N TYR D 240 -9.51 26.10 16.55
CA TYR D 240 -10.53 26.38 17.56
C TYR D 240 -11.05 25.04 18.08
N PRO D 241 -11.11 24.82 19.42
CA PRO D 241 -11.42 23.50 19.98
C PRO D 241 -12.85 23.02 19.71
N SER D 242 -13.15 21.80 20.18
CA SER D 242 -14.49 21.24 20.20
C SER D 242 -15.24 21.78 21.40
N GLN D 243 -16.57 21.58 21.41
CA GLN D 243 -17.45 22.11 22.45
C GLN D 243 -18.57 21.09 22.71
N GLU D 244 -19.24 21.25 23.87
CA GLU D 244 -20.40 20.46 24.24
C GLU D 244 -21.62 20.97 23.44
N THR D 245 -22.45 20.03 23.01
CA THR D 245 -23.68 20.31 22.26
C THR D 245 -24.89 20.01 23.13
N ALA D 246 -26.01 20.68 22.83
CA ALA D 246 -27.24 20.59 23.61
C ALA D 246 -27.84 19.19 23.51
N GLU D 247 -28.48 18.75 24.60
CA GLU D 247 -29.16 17.45 24.66
C GLU D 247 -30.42 17.50 23.79
N ASP D 248 -30.68 16.39 23.09
CA ASP D 248 -31.80 16.25 22.17
C ASP D 248 -31.65 17.26 21.02
N LYS D 249 -30.44 17.33 20.46
CA LYS D 249 -30.12 18.21 19.34
C LYS D 249 -29.04 17.55 18.48
N TRP D 250 -27.78 17.93 18.68
CA TRP D 250 -26.64 17.39 17.93
C TRP D 250 -25.90 16.36 18.78
N GLN D 251 -26.05 15.07 18.42
CA GLN D 251 -25.36 13.96 19.08
C GLN D 251 -24.04 13.68 18.35
N CYS D 252 -22.94 13.63 19.11
CA CYS D 252 -21.62 13.32 18.58
C CYS D 252 -21.47 11.79 18.43
N VAL D 253 -21.58 11.32 17.19
CA VAL D 253 -21.63 9.89 16.87
C VAL D 253 -20.20 9.31 16.81
N ASN D 254 -19.22 10.16 16.47
CA ASN D 254 -17.82 9.75 16.39
C ASN D 254 -16.90 10.96 16.58
N LYS D 255 -15.92 10.83 17.46
CA LYS D 255 -14.84 11.79 17.66
C LYS D 255 -13.58 11.21 17.00
N HIS D 256 -13.37 11.59 15.73
CA HIS D 256 -12.32 11.04 14.87
C HIS D 256 -11.00 11.77 15.14
N MET D 257 -10.13 11.14 15.94
CA MET D 257 -8.82 11.68 16.29
C MET D 257 -7.79 11.24 15.24
N ARG D 258 -6.86 12.15 14.91
CA ARG D 258 -5.86 11.95 13.87
C ARG D 258 -4.49 12.41 14.39
N PRO D 259 -3.72 11.52 15.06
CA PRO D 259 -2.46 11.90 15.68
C PRO D 259 -1.46 12.67 14.80
N GLN D 260 -1.45 12.39 13.49
CA GLN D 260 -0.43 12.91 12.56
C GLN D 260 -0.99 14.06 11.71
N GLN D 261 -2.21 14.54 12.01
CA GLN D 261 -2.87 15.62 11.26
C GLN D 261 -3.13 16.81 12.19
N ILE D 262 -3.19 18.01 11.58
CA ILE D 262 -3.28 19.28 12.28
C ILE D 262 -4.63 19.39 13.01
N PHE D 263 -5.70 18.93 12.36
CA PHE D 263 -7.06 19.00 12.93
C PHE D 263 -7.68 17.60 13.00
N ASP D 264 -8.55 17.41 14.00
CA ASP D 264 -9.36 16.21 14.19
C ASP D 264 -10.77 16.51 13.67
N ILE D 265 -11.61 15.47 13.59
CA ILE D 265 -12.97 15.59 13.06
C ILE D 265 -13.96 15.00 14.08
N ALA D 266 -15.06 15.74 14.31
CA ALA D 266 -16.17 15.30 15.16
C ALA D 266 -17.43 15.20 14.30
N LEU D 267 -17.94 13.96 14.14
CA LEU D 267 -19.16 13.71 13.38
C LEU D 267 -20.38 13.89 14.28
N TYR D 268 -21.22 14.87 13.96
CA TYR D 268 -22.47 15.14 14.67
C TYR D 268 -23.65 14.70 13.80
N LYS D 269 -24.71 14.20 14.46
CA LYS D 269 -25.98 13.83 13.81
C LYS D 269 -27.14 14.28 14.70
N LYS D 270 -28.35 14.29 14.12
CA LYS D 270 -29.58 14.62 14.84
C LYS D 270 -29.96 13.44 15.74
N ALA D 271 -30.40 13.74 16.97
CA ALA D 271 -30.73 12.74 17.97
C ALA D 271 -32.14 12.19 17.70
N ALA D 272 -33.16 13.00 18.02
CA ALA D 272 -34.56 12.59 17.92
C ALA D 272 -35.46 13.83 17.99
N10 FN6 E . 3.55 -31.29 -11.49
C11 FN6 E . 4.76 -31.93 -11.55
C13 FN6 E . 8.83 -36.21 -7.67
C14 FN6 E . 8.60 -37.71 -7.97
N1 FN6 E . 7.10 -35.33 -9.17
C2 FN6 E . 6.33 -34.11 -9.45
C3 FN6 E . 7.22 -32.89 -9.48
O4 FN6 E . 6.98 -31.86 -8.89
O5 FN6 E . 8.27 -33.10 -10.23
C6 FN6 E . 5.56 -34.25 -10.78
C7 FN6 E . 4.58 -33.15 -11.00
N8 FN6 E . 3.26 -33.28 -10.59
C9 FN6 E . 2.68 -32.12 -10.92
C12 FN6 E . 7.53 -35.44 -7.77
C15 FN6 E . 9.81 -38.31 -8.68
O16 FN6 E . 10.02 -37.78 -9.85
O17 FN6 E . 10.49 -39.19 -8.18
N18 FN6 E . 8.27 -38.42 -6.72
CS MTA F . 5.41 -35.38 -3.66
S5' MTA F . 6.91 -34.93 -4.47
C5' MTA F . 7.14 -33.29 -3.84
C4' MTA F . 7.92 -33.38 -2.52
O4' MTA F . 8.78 -32.24 -2.38
C2' MTA F . 7.53 -32.27 -0.41
O2' MTA F . 7.62 -32.64 0.96
C3' MTA F . 7.03 -33.41 -1.28
O3' MTA F . 7.16 -34.68 -0.62
C1' MTA F . 8.89 -31.92 -1.00
N9 MTA F . 9.30 -30.51 -0.78
C8 MTA F . 8.53 -29.41 -0.86
N7 MTA F . 9.26 -28.29 -0.59
C5 MTA F . 10.53 -28.69 -0.33
C6 MTA F . 11.81 -28.04 0.02
N6 MTA F . 11.89 -26.69 0.16
N1 MTA F . 12.89 -28.83 0.20
C2 MTA F . 12.83 -30.17 0.06
N3 MTA F . 11.70 -30.83 -0.26
C4 MTA F . 10.54 -30.15 -0.47
N10 FN6 G . 17.32 14.53 -15.15
C11 FN6 G . 16.84 15.70 -15.67
C13 FN6 G . 11.35 18.65 -18.89
C14 FN6 G . 10.40 19.38 -17.90
N1 FN6 G . 12.74 17.61 -17.17
C2 FN6 G . 13.86 16.69 -17.05
C3 FN6 G . 14.89 16.91 -18.14
O4 FN6 G . 15.42 16.02 -18.76
O5 FN6 G . 15.15 18.19 -18.31
C6 FN6 G . 14.50 16.80 -15.66
C7 FN6 G . 15.52 15.74 -15.37
N8 FN6 G . 15.17 14.59 -14.68
C9 FN6 G . 16.30 13.90 -14.58
C12 FN6 G . 11.85 17.35 -18.30
C15 FN6 G . 10.37 20.88 -18.17
O16 FN6 G . 11.55 21.42 -18.17
O17 FN6 G . 9.33 21.49 -18.37
N18 FN6 G . 9.07 18.76 -17.96
CS MTA H . 11.44 14.04 -18.68
S5' MTA H . 10.32 14.53 -19.94
C5' MTA H . 11.34 14.16 -21.33
C4' MTA H . 10.45 13.91 -22.54
O4' MTA H . 11.23 13.94 -23.74
C2' MTA H . 10.07 11.89 -23.83
O2' MTA H . 8.91 11.34 -24.46
C3' MTA H . 9.76 12.54 -22.51
O3' MTA H . 8.34 12.72 -22.30
C1' MTA H . 10.68 13.01 -24.67
N9 MTA H . 11.73 12.57 -25.63
C8 MTA H . 12.64 11.58 -25.47
N7 MTA H . 13.43 11.47 -26.57
C5 MTA H . 13.03 12.41 -27.45
C6 MTA H . 13.44 12.84 -28.81
N6 MTA H . 14.47 12.22 -29.45
N1 MTA H . 12.76 13.87 -29.38
C2 MTA H . 11.74 14.48 -28.76
N3 MTA H . 11.32 14.13 -27.52
C4 MTA H . 11.91 13.13 -26.83
N10 FN6 I . -15.01 -5.80 24.36
C11 FN6 I . -14.86 -6.03 23.02
C13 FN6 I . -14.40 -11.02 18.11
C14 FN6 I . -15.70 -11.39 17.36
N1 FN6 I . -15.33 -9.43 19.75
C2 FN6 I . -14.94 -8.77 21.00
C3 FN6 I . -13.55 -8.18 20.86
O4 FN6 I . -12.68 -8.34 21.70
O5 FN6 I . -13.41 -7.49 19.76
C6 FN6 I . -15.96 -7.68 21.37
C7 FN6 I . -15.70 -7.04 22.70
N8 FN6 I . -16.37 -7.45 23.84
C9 FN6 I . -15.92 -6.68 24.81
C12 FN6 I . -14.72 -10.75 19.58
C15 FN6 I . -15.70 -10.80 15.96
O16 FN6 I . -15.60 -9.50 15.96
O17 FN6 I . -15.78 -11.48 14.95
N18 FN6 I . -15.84 -12.86 17.34
CS MTA J . -14.07 -13.68 20.91
S5' MTA J . -13.20 -14.30 22.31
C5' MTA J . -11.61 -13.62 22.03
C4' MTA J . -10.72 -14.70 21.45
O4' MTA J . -9.38 -14.23 21.26
C2' MTA J . -9.16 -16.15 22.62
O2' MTA J . -8.81 -17.53 22.50
C3' MTA J . -10.63 -15.90 22.39
O3' MTA J . -11.30 -17.04 21.82
C1' MTA J . -8.48 -15.29 21.56
N9 MTA J . -7.15 -14.80 22.02
C8 MTA J . -6.85 -14.27 23.22
N7 MTA J . -5.55 -13.93 23.27
C5 MTA J . -4.98 -14.26 22.10
C6 MTA J . -3.64 -14.18 21.49
N6 MTA J . -2.61 -13.66 22.21
N1 MTA J . -3.48 -14.63 20.23
C2 MTA J . -4.50 -15.15 19.52
N3 MTA J . -5.75 -15.25 20.01
C4 MTA J . -6.05 -14.83 21.26
N10 FN6 K . -5.21 24.50 11.07
C11 FN6 K . -6.09 23.78 10.31
C13 FN6 K . -9.89 25.25 4.36
C14 FN6 K . -9.12 24.28 3.44
N1 FN6 K . -8.42 25.31 6.29
C2 FN6 K . -8.15 25.05 7.72
C3 FN6 K . -9.36 24.59 8.55
O4 FN6 K . -9.63 23.32 8.38
O5 FN6 K . -9.96 25.34 9.28
C6 FN6 K . -6.98 24.07 7.90
C7 FN6 K . -6.15 24.40 9.09
N8 FN6 K . -5.30 25.49 9.11
C9 FN6 K . -4.77 25.50 10.31
C12 FN6 K . -9.73 24.83 5.81
C15 FN6 K . -10.11 23.38 2.69
O16 FN6 K . -10.72 24.00 1.71
O17 FN6 K . -10.29 22.22 2.99
N18 FN6 K . -8.27 25.04 2.51
CS MTA L . -9.82 29.06 4.89
S5' MTA L . -9.44 29.37 6.59
C5' MTA L . -11.05 29.41 7.31
C4' MTA L . -11.95 30.44 6.64
O4' MTA L . -13.21 30.49 7.31
C2' MTA L . -12.55 32.73 7.18
O2' MTA L . -12.76 33.88 6.35
C3' MTA L . -11.41 31.87 6.67
O3' MTA L . -10.97 32.26 5.36
C1' MTA L . -13.76 31.79 7.15
N9 MTA L . -14.80 32.12 8.17
C8 MTA L . -14.60 32.54 9.44
N7 MTA L . -15.79 32.74 10.07
C5 MTA L . -16.77 32.46 9.20
C6 MTA L . -18.26 32.46 9.21
N6 MTA L . -18.94 32.82 10.32
N1 MTA L . -18.90 32.08 8.08
C2 MTA L . -18.24 31.72 6.96
N3 MTA L . -16.89 31.70 6.90
C4 MTA L . -16.12 32.04 7.95
#